data_6DWS
#
_entry.id   6DWS
#
_cell.length_a   54.916
_cell.length_b   74.611
_cell.length_c   86.848
_cell.angle_alpha   90.000
_cell.angle_beta   98.100
_cell.angle_gamma   90.000
#
_symmetry.space_group_name_H-M   'P 1 21 1'
#
loop_
_entity.id
_entity.type
_entity.pdbx_description
1 polymer 'Endoplasmic reticulum chaperone BiP'
2 non-polymer 8-{[(2-chlorophenyl)methyl]amino}adenosine
3 non-polymer 'MAGNESIUM ION'
4 water water
#
_entity_poly.entity_id   1
_entity_poly.type   'polypeptide(L)'
_entity_poly.pdbx_seq_one_letter_code
;DVGTVVGIDLGTTYSCVGVFKNGRVEIIANDQGNRITPSYVAFTPEGERLIGDAAKNQLTSNPENTVFDAKRLIGRTWND
PSVQQDIKFLPFKVVEKKTKPYIQVDIGGGQTKTFAPEEISAMVLTKMKETAEAYLGKKVTHAVVTVPAYFNDAQRQATK
DAGTIAGLNVMRIINEPTAAAIAYGLDKREGEKNILVFDLGGGTFDVSLLTIDNGVFEVVATNGDTHLGGEDFDQRVMEH
FIKLYKKKTGKDVRKDNRAVQKLRREVEKAKRALSSQHQARIEIESFYEGEDFSETLTRAKFEELNMDLFRSTMKPVQKV
LEDSDLKKSDIDEIVLVGGSTRIPKIQQLVKEFFNGKEPSRGINPDEAVAYGAAVQAGVLSG
;
_entity_poly.pdbx_strand_id   A,B
#
# COMPACT_ATOMS: atom_id res chain seq x y z
N ASP A 1 -11.48 10.13 26.80
CA ASP A 1 -12.41 9.88 25.69
C ASP A 1 -11.89 10.52 24.42
N VAL A 2 -11.01 9.81 23.69
CA VAL A 2 -10.45 10.31 22.42
C VAL A 2 -11.47 10.16 21.29
N GLY A 3 -12.37 9.16 21.40
CA GLY A 3 -13.38 8.84 20.40
C GLY A 3 -12.75 8.57 19.05
N THR A 4 -13.36 9.08 17.97
CA THR A 4 -12.76 8.94 16.66
C THR A 4 -11.78 10.09 16.41
N VAL A 5 -10.49 9.78 16.28
CA VAL A 5 -9.43 10.76 16.03
C VAL A 5 -9.44 11.10 14.52
N VAL A 6 -9.39 12.38 14.20
CA VAL A 6 -9.38 12.79 12.78
C VAL A 6 -7.93 13.09 12.31
N GLY A 7 -7.66 12.84 11.03
CA GLY A 7 -6.40 13.19 10.40
C GLY A 7 -6.60 14.44 9.54
N ILE A 8 -5.92 15.54 9.88
CA ILE A 8 -6.08 16.81 9.15
C ILE A 8 -4.80 17.32 8.50
N ASP A 9 -4.91 17.56 7.17
CA ASP A 9 -3.90 18.25 6.39
C ASP A 9 -4.37 19.72 6.42
N LEU A 10 -3.66 20.58 7.16
CA LEU A 10 -3.97 22.02 7.25
C LEU A 10 -3.04 22.71 6.29
N GLY A 11 -3.49 22.82 5.04
CA GLY A 11 -2.67 23.33 3.96
C GLY A 11 -2.68 24.83 3.83
N THR A 12 -1.72 25.36 3.06
CA THR A 12 -1.63 26.81 2.84
C THR A 12 -2.88 27.30 2.10
N THR A 13 -3.27 26.63 1.03
CA THR A 13 -4.43 27.08 0.26
C THR A 13 -5.68 26.20 0.46
N TYR A 14 -5.48 24.88 0.66
CA TYR A 14 -6.53 23.89 0.88
C TYR A 14 -6.24 23.00 2.06
N SER A 15 -7.31 22.56 2.73
CA SER A 15 -7.21 21.63 3.85
C SER A 15 -8.09 20.40 3.54
N CYS A 16 -7.76 19.28 4.16
CA CYS A 16 -8.39 17.99 3.88
C CYS A 16 -8.47 17.21 5.17
N VAL A 17 -9.61 16.52 5.38
CA VAL A 17 -9.80 15.73 6.62
C VAL A 17 -10.20 14.30 6.29
N GLY A 18 -9.57 13.37 7.01
CA GLY A 18 -9.85 11.95 6.92
C GLY A 18 -10.07 11.31 8.27
N VAL A 19 -10.68 10.12 8.25
CA VAL A 19 -10.95 9.27 9.42
C VAL A 19 -10.70 7.83 8.98
N PHE A 20 -10.24 7.00 9.92
CA PHE A 20 -10.09 5.58 9.67
C PHE A 20 -11.38 4.95 10.23
N LYS A 21 -12.16 4.31 9.36
CA LYS A 21 -13.46 3.71 9.69
C LYS A 21 -13.66 2.38 8.94
N ASN A 22 -14.09 1.34 9.66
CA ASN A 22 -14.38 0.00 9.10
C ASN A 22 -13.23 -0.56 8.23
N GLY A 23 -12.03 -0.49 8.78
CA GLY A 23 -10.81 -1.03 8.17
C GLY A 23 -10.17 -0.29 7.03
N ARG A 24 -10.53 1.00 6.79
CA ARG A 24 -9.96 1.84 5.72
C ARG A 24 -10.07 3.34 5.99
N VAL A 25 -9.29 4.14 5.25
CA VAL A 25 -9.35 5.58 5.33
C VAL A 25 -10.55 6.08 4.54
N GLU A 26 -11.27 7.03 5.12
CA GLU A 26 -12.38 7.71 4.47
C GLU A 26 -12.06 9.21 4.46
N ILE A 27 -11.90 9.78 3.26
CA ILE A 27 -11.68 11.21 3.11
C ILE A 27 -13.09 11.81 3.13
N ILE A 28 -13.30 12.80 4.00
CA ILE A 28 -14.63 13.37 4.21
C ILE A 28 -14.94 14.63 3.37
N ALA A 29 -16.05 14.60 2.62
CA ALA A 29 -16.47 15.77 1.85
C ALA A 29 -17.16 16.76 2.79
N ASN A 30 -16.92 18.06 2.58
CA ASN A 30 -17.55 19.14 3.33
C ASN A 30 -19.04 19.35 2.89
N ASP A 31 -19.74 20.36 3.49
CA ASP A 31 -21.15 20.68 3.22
C ASP A 31 -21.41 21.11 1.76
N GLN A 32 -20.35 21.44 1.00
CA GLN A 32 -20.47 21.80 -0.41
C GLN A 32 -20.15 20.62 -1.34
N GLY A 33 -19.94 19.43 -0.75
CA GLY A 33 -19.63 18.20 -1.46
C GLY A 33 -18.16 18.07 -1.87
N ASN A 34 -17.27 18.92 -1.34
CA ASN A 34 -15.84 18.92 -1.69
C ASN A 34 -14.96 18.21 -0.69
N ARG A 35 -14.09 17.34 -1.21
CA ARG A 35 -13.13 16.57 -0.42
C ARG A 35 -11.92 17.41 0.02
N ILE A 36 -11.84 18.64 -0.49
CA ILE A 36 -10.83 19.62 -0.02
C ILE A 36 -11.61 20.91 0.26
N THR A 37 -11.13 21.66 1.24
CA THR A 37 -11.75 22.90 1.67
C THR A 37 -10.69 24.03 1.58
N PRO A 38 -10.99 25.15 0.90
CA PRO A 38 -10.02 26.27 0.89
C PRO A 38 -9.72 26.73 2.32
N SER A 39 -8.46 27.06 2.61
CA SER A 39 -8.08 27.53 3.96
C SER A 39 -8.32 29.05 4.00
N TYR A 40 -9.61 29.44 3.85
CA TYR A 40 -10.09 30.82 3.73
C TYR A 40 -11.09 31.17 4.81
N VAL A 41 -11.03 32.41 5.30
CA VAL A 41 -11.95 32.93 6.32
C VAL A 41 -12.42 34.32 5.85
N ALA A 42 -13.71 34.56 5.81
CA ALA A 42 -14.23 35.87 5.41
C ALA A 42 -15.13 36.43 6.49
N PHE A 43 -14.96 37.73 6.74
CA PHE A 43 -15.73 38.51 7.71
C PHE A 43 -16.63 39.42 6.89
N THR A 44 -17.94 39.12 6.93
CA THR A 44 -18.95 39.87 6.18
C THR A 44 -19.33 41.15 6.96
N PRO A 45 -19.84 42.21 6.30
CA PRO A 45 -20.26 43.42 7.06
C PRO A 45 -21.45 43.21 8.01
N GLU A 46 -22.16 42.05 7.93
CA GLU A 46 -23.29 41.71 8.80
C GLU A 46 -22.85 41.04 10.13
N GLY A 47 -21.54 40.86 10.31
CA GLY A 47 -20.96 40.25 11.51
C GLY A 47 -20.83 38.75 11.46
N GLU A 48 -21.05 38.16 10.28
CA GLU A 48 -20.96 36.71 10.09
C GLU A 48 -19.57 36.30 9.64
N ARG A 49 -19.18 35.07 10.00
CA ARG A 49 -17.90 34.49 9.60
C ARG A 49 -18.19 33.38 8.60
N LEU A 50 -17.52 33.43 7.46
CA LEU A 50 -17.62 32.39 6.42
C LEU A 50 -16.28 31.65 6.37
N ILE A 51 -16.32 30.31 6.29
CA ILE A 51 -15.07 29.52 6.25
C ILE A 51 -15.11 28.58 5.07
N GLY A 52 -13.98 28.47 4.39
CA GLY A 52 -13.80 27.56 3.28
C GLY A 52 -14.32 28.07 1.97
N ASP A 53 -15.10 27.23 1.26
CA ASP A 53 -15.67 27.53 -0.05
C ASP A 53 -16.48 28.82 -0.10
N ALA A 54 -17.36 29.02 0.90
CA ALA A 54 -18.20 30.20 1.03
C ALA A 54 -17.33 31.47 1.15
N ALA A 55 -16.21 31.38 1.89
CA ALA A 55 -15.28 32.49 2.04
C ALA A 55 -14.54 32.78 0.71
N LYS A 56 -14.02 31.73 0.05
CA LYS A 56 -13.26 31.86 -1.20
C LYS A 56 -14.12 32.37 -2.36
N ASN A 57 -15.39 31.97 -2.43
CA ASN A 57 -16.29 32.35 -3.52
C ASN A 57 -16.87 33.76 -3.37
N GLN A 58 -16.61 34.41 -2.22
CA GLN A 58 -17.08 35.76 -1.91
C GLN A 58 -15.90 36.79 -1.94
N LEU A 59 -14.63 36.30 -2.03
CA LEU A 59 -13.36 37.06 -2.07
C LEU A 59 -13.41 38.38 -2.89
N THR A 60 -13.96 38.33 -4.14
CA THR A 60 -14.03 39.48 -5.06
C THR A 60 -14.89 40.62 -4.46
N SER A 61 -16.01 40.28 -3.78
CA SER A 61 -16.86 41.26 -3.11
C SER A 61 -16.06 41.81 -1.90
N ASN A 62 -15.33 42.93 -2.09
CA ASN A 62 -14.39 43.55 -1.14
C ASN A 62 -13.28 42.55 -0.66
N PRO A 63 -12.03 42.72 -1.16
CA PRO A 63 -10.97 41.76 -0.83
C PRO A 63 -10.14 42.02 0.44
N GLU A 64 -10.43 43.07 1.22
CA GLU A 64 -9.61 43.30 2.42
C GLU A 64 -10.09 42.53 3.66
N ASN A 65 -11.30 41.95 3.64
CA ASN A 65 -11.82 41.22 4.80
C ASN A 65 -11.91 39.71 4.58
N THR A 66 -11.21 39.22 3.53
CA THR A 66 -11.13 37.79 3.22
C THR A 66 -9.69 37.38 3.49
N VAL A 67 -9.53 36.47 4.44
CA VAL A 67 -8.23 36.04 4.95
C VAL A 67 -7.89 34.65 4.44
N PHE A 68 -6.65 34.49 3.99
CA PHE A 68 -6.10 33.25 3.43
C PHE A 68 -4.61 33.30 3.65
N ASP A 69 -3.87 32.19 3.36
CA ASP A 69 -2.40 32.13 3.51
C ASP A 69 -1.90 32.41 4.95
N ALA A 70 -2.74 32.19 5.98
CA ALA A 70 -2.37 32.33 7.39
C ALA A 70 -1.20 31.40 7.74
N LYS A 71 -1.09 30.26 7.02
CA LYS A 71 0.00 29.31 7.18
C LYS A 71 1.39 29.95 6.91
N ARG A 72 1.43 31.02 6.07
CA ARG A 72 2.66 31.78 5.80
C ARG A 72 3.12 32.58 7.03
N LEU A 73 2.20 32.91 7.94
CA LEU A 73 2.44 33.74 9.11
C LEU A 73 2.44 33.01 10.43
N ILE A 74 1.86 31.81 10.47
CA ILE A 74 1.72 31.08 11.73
C ILE A 74 3.09 30.71 12.37
N GLY A 75 3.19 30.92 13.67
CA GLY A 75 4.39 30.60 14.45
C GLY A 75 5.56 31.49 14.11
N ARG A 76 5.29 32.63 13.46
CA ARG A 76 6.34 33.58 13.09
C ARG A 76 6.19 34.89 13.83
N THR A 77 7.30 35.61 14.00
CA THR A 77 7.24 36.90 14.66
C THR A 77 6.90 37.95 13.58
N TRP A 78 6.36 39.11 13.98
CA TRP A 78 6.01 40.19 13.05
C TRP A 78 7.24 40.64 12.23
N ASN A 79 8.39 40.79 12.87
CA ASN A 79 9.60 41.31 12.21
C ASN A 79 10.42 40.24 11.47
N ASP A 80 9.93 38.99 11.44
CA ASP A 80 10.54 37.91 10.66
C ASP A 80 10.63 38.46 9.18
N PRO A 81 11.81 38.44 8.52
CA PRO A 81 11.88 38.91 7.13
C PRO A 81 10.92 38.20 6.16
N SER A 82 10.59 36.93 6.40
CA SER A 82 9.63 36.16 5.59
C SER A 82 8.22 36.79 5.73
N VAL A 83 7.81 37.18 6.97
CA VAL A 83 6.53 37.86 7.23
C VAL A 83 6.50 39.24 6.56
N GLN A 84 7.56 40.02 6.74
CA GLN A 84 7.69 41.37 6.17
C GLN A 84 7.63 41.34 4.64
N GLN A 85 8.16 40.28 4.02
CA GLN A 85 8.05 40.06 2.57
C GLN A 85 6.62 39.66 2.19
N ASP A 86 6.04 38.66 2.88
CA ASP A 86 4.69 38.12 2.58
C ASP A 86 3.55 39.11 2.67
N ILE A 87 3.61 40.01 3.65
CA ILE A 87 2.53 40.98 3.87
C ILE A 87 2.39 41.96 2.70
N LYS A 88 3.43 42.13 1.88
CA LYS A 88 3.43 43.00 0.71
C LYS A 88 2.48 42.44 -0.37
N PHE A 89 2.25 41.13 -0.37
CA PHE A 89 1.42 40.42 -1.36
C PHE A 89 0.05 40.05 -0.80
N LEU A 90 -0.19 40.38 0.46
CA LEU A 90 -1.47 40.07 1.08
C LEU A 90 -2.39 41.25 1.08
N PRO A 91 -3.66 41.03 0.66
CA PRO A 91 -4.59 42.15 0.50
C PRO A 91 -5.23 42.62 1.81
N PHE A 92 -5.26 41.77 2.82
CA PHE A 92 -5.82 42.14 4.11
C PHE A 92 -4.70 42.75 4.97
N LYS A 93 -5.08 43.56 5.96
CA LYS A 93 -4.16 44.27 6.86
C LYS A 93 -3.49 43.32 7.88
N VAL A 94 -2.18 43.47 8.05
CA VAL A 94 -1.40 42.70 9.01
C VAL A 94 -0.71 43.73 9.87
N VAL A 95 -0.91 43.64 11.18
CA VAL A 95 -0.37 44.59 12.15
C VAL A 95 0.49 43.87 13.20
N GLU A 96 1.45 44.58 13.78
CA GLU A 96 2.25 44.03 14.88
C GLU A 96 1.43 44.09 16.17
N LYS A 97 1.26 42.95 16.82
CA LYS A 97 0.56 42.85 18.12
C LYS A 97 1.16 41.67 18.87
N LYS A 98 1.58 41.89 20.14
CA LYS A 98 2.18 40.89 21.03
C LYS A 98 3.31 40.14 20.28
N THR A 99 4.19 40.92 19.58
CA THR A 99 5.36 40.49 18.78
C THR A 99 5.05 39.77 17.47
N LYS A 100 3.76 39.48 17.21
CA LYS A 100 3.32 38.63 16.10
C LYS A 100 2.59 39.38 14.99
N PRO A 101 2.48 38.78 13.77
CA PRO A 101 1.68 39.43 12.75
C PRO A 101 0.20 39.10 12.95
N TYR A 102 -0.54 40.05 13.53
CA TYR A 102 -1.98 39.85 13.69
C TYR A 102 -2.73 40.34 12.46
N ILE A 103 -3.77 39.61 12.08
CA ILE A 103 -4.61 39.95 10.92
C ILE A 103 -5.71 40.88 11.43
N GLN A 104 -5.88 42.06 10.80
CA GLN A 104 -6.87 43.06 11.18
C GLN A 104 -7.97 43.08 10.12
N VAL A 105 -9.23 42.91 10.56
CA VAL A 105 -10.40 42.87 9.66
C VAL A 105 -11.57 43.68 10.20
N ASP A 106 -12.52 44.00 9.33
CA ASP A 106 -13.76 44.68 9.68
C ASP A 106 -14.79 43.58 9.87
N ILE A 107 -15.47 43.61 11.04
CA ILE A 107 -16.44 42.58 11.40
C ILE A 107 -17.90 43.10 11.36
N GLY A 108 -18.08 44.36 10.94
CA GLY A 108 -19.40 44.97 10.83
C GLY A 108 -19.71 46.00 11.89
N GLY A 109 -20.55 46.99 11.53
CA GLY A 109 -20.98 48.06 12.40
C GLY A 109 -19.87 48.98 12.88
N GLY A 110 -18.87 49.17 12.03
CA GLY A 110 -17.70 49.99 12.35
C GLY A 110 -16.79 49.36 13.39
N GLN A 111 -16.80 48.01 13.49
CA GLN A 111 -15.98 47.27 14.44
C GLN A 111 -14.84 46.63 13.71
N THR A 112 -13.64 46.84 14.23
CA THR A 112 -12.42 46.28 13.70
C THR A 112 -11.93 45.27 14.72
N LYS A 113 -11.58 44.06 14.25
CA LYS A 113 -11.06 43.02 15.14
C LYS A 113 -9.67 42.56 14.68
N THR A 114 -8.89 42.06 15.64
CA THR A 114 -7.54 41.59 15.35
C THR A 114 -7.44 40.10 15.75
N PHE A 115 -6.84 39.26 14.88
CA PHE A 115 -6.70 37.81 15.07
C PHE A 115 -5.27 37.33 14.88
N ALA A 116 -4.77 36.49 15.81
CA ALA A 116 -3.43 35.92 15.63
C ALA A 116 -3.52 34.92 14.47
N PRO A 117 -2.42 34.66 13.71
CA PRO A 117 -2.50 33.64 12.63
C PRO A 117 -3.09 32.29 13.07
N GLU A 118 -2.78 31.81 14.30
CA GLU A 118 -3.33 30.57 14.85
C GLU A 118 -4.82 30.68 15.11
N GLU A 119 -5.38 31.91 15.29
CA GLU A 119 -6.83 32.07 15.46
C GLU A 119 -7.53 31.87 14.14
N ILE A 120 -6.92 32.39 13.03
CA ILE A 120 -7.44 32.20 11.69
C ILE A 120 -7.35 30.70 11.35
N SER A 121 -6.19 30.06 11.56
CA SER A 121 -6.06 28.62 11.32
C SER A 121 -7.02 27.80 12.20
N ALA A 122 -7.31 28.29 13.43
CA ALA A 122 -8.27 27.59 14.29
C ALA A 122 -9.68 27.62 13.65
N MET A 123 -10.04 28.69 12.93
CA MET A 123 -11.35 28.76 12.27
C MET A 123 -11.40 27.70 11.16
N VAL A 124 -10.29 27.55 10.40
CA VAL A 124 -10.20 26.55 9.33
C VAL A 124 -10.34 25.16 9.96
N LEU A 125 -9.60 24.91 11.06
CA LEU A 125 -9.67 23.64 11.79
C LEU A 125 -11.08 23.36 12.36
N THR A 126 -11.79 24.42 12.83
CA THR A 126 -13.18 24.27 13.33
C THR A 126 -14.04 23.75 12.18
N LYS A 127 -13.83 24.30 10.97
CA LYS A 127 -14.61 23.91 9.80
C LYS A 127 -14.31 22.46 9.44
N MET A 128 -13.03 22.06 9.48
CA MET A 128 -12.59 20.67 9.24
C MET A 128 -13.23 19.72 10.26
N LYS A 129 -13.23 20.15 11.54
CA LYS A 129 -13.83 19.43 12.66
C LYS A 129 -15.35 19.25 12.42
N GLU A 130 -16.06 20.30 11.97
CA GLU A 130 -17.50 20.22 11.70
C GLU A 130 -17.81 19.31 10.51
N THR A 131 -16.93 19.32 9.47
CA THR A 131 -17.07 18.43 8.32
C THR A 131 -17.03 16.98 8.81
N ALA A 132 -16.06 16.65 9.66
CA ALA A 132 -15.88 15.32 10.23
C ALA A 132 -17.04 14.92 11.13
N GLU A 133 -17.53 15.86 11.99
CA GLU A 133 -18.66 15.60 12.91
C GLU A 133 -19.97 15.33 12.18
N ALA A 134 -20.19 16.04 11.06
CA ALA A 134 -21.40 15.85 10.25
C ALA A 134 -21.38 14.45 9.63
N TYR A 135 -20.21 13.98 9.23
CA TYR A 135 -20.00 12.66 8.64
C TYR A 135 -20.16 11.54 9.70
N LEU A 136 -19.44 11.67 10.82
CA LEU A 136 -19.41 10.69 11.92
C LEU A 136 -20.67 10.61 12.76
N GLY A 137 -21.45 11.70 12.80
CA GLY A 137 -22.68 11.76 13.60
C GLY A 137 -22.39 11.79 15.09
N LYS A 138 -21.16 12.20 15.44
CA LYS A 138 -20.65 12.32 16.80
C LYS A 138 -19.67 13.46 16.92
N LYS A 139 -19.41 13.90 18.16
CA LYS A 139 -18.43 14.94 18.47
C LYS A 139 -17.01 14.41 18.15
N VAL A 140 -16.12 15.31 17.74
CA VAL A 140 -14.69 15.11 17.46
C VAL A 140 -13.93 15.99 18.46
N THR A 141 -13.00 15.39 19.20
CA THR A 141 -12.20 16.14 20.19
C THR A 141 -10.69 16.01 19.99
N HIS A 142 -10.26 14.98 19.26
CA HIS A 142 -8.84 14.71 19.05
C HIS A 142 -8.47 14.66 17.60
N ALA A 143 -7.22 15.01 17.29
CA ALA A 143 -6.72 15.06 15.92
C ALA A 143 -5.23 14.81 15.79
N VAL A 144 -4.86 14.42 14.58
CA VAL A 144 -3.46 14.31 14.12
C VAL A 144 -3.43 15.41 13.05
N VAL A 145 -2.54 16.39 13.19
CA VAL A 145 -2.43 17.50 12.22
C VAL A 145 -1.07 17.49 11.58
N THR A 146 -1.02 17.69 10.26
CA THR A 146 0.24 17.70 9.51
C THR A 146 0.79 19.12 9.38
N VAL A 147 2.13 19.21 9.20
CA VAL A 147 2.86 20.46 9.02
C VAL A 147 3.96 20.20 7.99
N PRO A 148 4.47 21.25 7.30
CA PRO A 148 5.62 21.02 6.41
C PRO A 148 6.83 20.54 7.23
N ALA A 149 7.64 19.66 6.64
CA ALA A 149 8.81 19.08 7.30
C ALA A 149 9.80 20.16 7.78
N TYR A 150 9.82 21.34 7.12
CA TYR A 150 10.72 22.44 7.51
C TYR A 150 10.19 23.24 8.71
N PHE A 151 8.92 23.01 9.16
CA PHE A 151 8.37 23.77 10.29
C PHE A 151 9.26 23.64 11.52
N ASN A 152 9.52 24.79 12.16
CA ASN A 152 10.37 24.85 13.36
C ASN A 152 9.49 24.66 14.63
N ASP A 153 10.09 24.81 15.81
CA ASP A 153 9.34 24.63 17.07
C ASP A 153 8.16 25.56 17.21
N ALA A 154 8.36 26.85 16.99
CA ALA A 154 7.28 27.83 17.15
C ALA A 154 6.11 27.60 16.16
N GLN A 155 6.42 27.17 14.95
CA GLN A 155 5.41 26.88 13.92
C GLN A 155 4.57 25.63 14.26
N ARG A 156 5.24 24.57 14.78
CA ARG A 156 4.58 23.32 15.20
C ARG A 156 3.71 23.60 16.44
N GLN A 157 4.24 24.40 17.40
CA GLN A 157 3.49 24.76 18.61
C GLN A 157 2.27 25.65 18.25
N ALA A 158 2.43 26.64 17.33
CA ALA A 158 1.30 27.51 16.96
C ALA A 158 0.23 26.70 16.24
N THR A 159 0.64 25.61 15.54
CA THR A 159 -0.31 24.72 14.84
C THR A 159 -1.11 23.92 15.87
N LYS A 160 -0.45 23.43 16.92
CA LYS A 160 -1.12 22.72 18.04
C LYS A 160 -2.07 23.70 18.70
N ASP A 161 -1.61 24.94 18.94
CA ASP A 161 -2.38 26.04 19.57
C ASP A 161 -3.65 26.34 18.75
N ALA A 162 -3.55 26.34 17.41
CA ALA A 162 -4.69 26.54 16.49
C ALA A 162 -5.72 25.43 16.76
N GLY A 163 -5.23 24.20 16.94
CA GLY A 163 -6.07 23.05 17.30
C GLY A 163 -6.78 23.26 18.61
N THR A 164 -6.05 23.73 19.66
CA THR A 164 -6.63 24.00 21.00
C THR A 164 -7.79 25.01 20.91
N ILE A 165 -7.56 26.14 20.19
CA ILE A 165 -8.57 27.19 19.97
C ILE A 165 -9.82 26.61 19.28
N ALA A 166 -9.62 25.69 18.33
CA ALA A 166 -10.67 25.00 17.58
C ALA A 166 -11.41 23.90 18.41
N GLY A 167 -10.95 23.66 19.62
CA GLY A 167 -11.51 22.63 20.50
C GLY A 167 -11.02 21.24 20.14
N LEU A 168 -9.79 21.15 19.60
CA LEU A 168 -9.17 19.89 19.20
C LEU A 168 -7.89 19.64 19.98
N ASN A 169 -7.75 18.44 20.51
CA ASN A 169 -6.51 18.05 21.18
C ASN A 169 -5.64 17.45 20.07
N VAL A 170 -4.62 18.21 19.65
CA VAL A 170 -3.67 17.78 18.60
C VAL A 170 -2.68 16.81 19.26
N MET A 171 -3.00 15.51 19.16
CA MET A 171 -2.24 14.40 19.80
C MET A 171 -0.86 14.24 19.18
N ARG A 172 -0.81 14.36 17.84
CA ARG A 172 0.43 14.23 17.06
C ARG A 172 0.50 15.33 16.02
N ILE A 173 1.71 15.86 15.84
CA ILE A 173 2.06 16.80 14.75
C ILE A 173 2.98 15.94 13.88
N ILE A 174 2.57 15.66 12.65
CA ILE A 174 3.35 14.80 11.74
C ILE A 174 3.76 15.60 10.50
N ASN A 175 4.93 15.28 9.95
CA ASN A 175 5.40 15.98 8.75
C ASN A 175 4.61 15.55 7.53
N GLU A 176 4.24 16.52 6.68
CA GLU A 176 3.44 16.26 5.47
C GLU A 176 4.06 15.18 4.58
N PRO A 177 5.37 15.22 4.21
CA PRO A 177 5.92 14.19 3.31
C PRO A 177 5.87 12.79 3.91
N THR A 178 6.05 12.67 5.25
CA THR A 178 5.96 11.42 6.01
C THR A 178 4.53 10.88 5.93
N ALA A 179 3.52 11.77 6.09
CA ALA A 179 2.10 11.38 5.99
C ALA A 179 1.80 10.84 4.58
N ALA A 180 2.36 11.48 3.54
CA ALA A 180 2.17 10.98 2.16
C ALA A 180 2.81 9.61 2.00
N ALA A 181 4.00 9.40 2.56
CA ALA A 181 4.68 8.10 2.51
C ALA A 181 3.83 7.01 3.21
N ILE A 182 3.21 7.35 4.37
CA ILE A 182 2.32 6.46 5.13
C ILE A 182 1.11 6.07 4.29
N ALA A 183 0.52 7.05 3.56
CA ALA A 183 -0.62 6.78 2.67
C ALA A 183 -0.30 5.65 1.67
N TYR A 184 0.94 5.61 1.16
CA TYR A 184 1.42 4.60 0.22
C TYR A 184 1.87 3.28 0.89
N GLY A 185 1.66 3.19 2.20
CA GLY A 185 2.00 2.02 3.01
C GLY A 185 3.49 1.77 3.13
N LEU A 186 4.33 2.79 2.82
CA LEU A 186 5.79 2.67 2.87
C LEU A 186 6.32 2.47 4.29
N ASP A 187 5.49 2.74 5.32
CA ASP A 187 5.85 2.50 6.74
C ASP A 187 5.65 1.01 7.10
N LYS A 188 4.91 0.26 6.27
CA LYS A 188 4.57 -1.14 6.54
C LYS A 188 5.36 -2.09 5.62
N ARG A 189 6.67 -1.84 5.51
CA ARG A 189 7.59 -2.61 4.67
C ARG A 189 8.89 -2.90 5.44
N GLU A 190 9.43 -4.11 5.28
CA GLU A 190 10.71 -4.47 5.90
C GLU A 190 11.84 -3.98 4.97
N GLY A 191 13.00 -3.66 5.56
CA GLY A 191 14.14 -3.13 4.80
C GLY A 191 14.29 -1.62 4.85
N GLU A 192 15.26 -1.11 4.04
CA GLU A 192 15.65 0.31 3.98
C GLU A 192 15.45 0.94 2.60
N LYS A 193 14.77 2.10 2.53
CA LYS A 193 14.52 2.80 1.27
C LYS A 193 14.67 4.33 1.38
N ASN A 194 15.01 4.97 0.24
CA ASN A 194 15.11 6.44 0.13
C ASN A 194 13.92 6.90 -0.66
N ILE A 195 13.16 7.83 -0.08
CA ILE A 195 11.93 8.38 -0.67
C ILE A 195 12.11 9.84 -1.00
N LEU A 196 11.75 10.20 -2.24
CA LEU A 196 11.72 11.59 -2.65
C LEU A 196 10.24 11.99 -2.70
N VAL A 197 9.86 12.98 -1.91
CA VAL A 197 8.48 13.49 -1.92
C VAL A 197 8.50 14.82 -2.65
N PHE A 198 7.72 14.92 -3.73
CA PHE A 198 7.61 16.08 -4.58
C PHE A 198 6.20 16.63 -4.41
N ASP A 199 6.10 17.73 -3.68
CA ASP A 199 4.83 18.33 -3.29
C ASP A 199 4.65 19.68 -3.94
N LEU A 200 3.79 19.74 -4.97
CA LEU A 200 3.48 20.99 -5.65
C LEU A 200 2.03 21.34 -5.40
N GLY A 201 1.80 22.29 -4.50
CA GLY A 201 0.47 22.71 -4.09
C GLY A 201 -0.09 23.88 -4.84
N GLY A 202 -1.04 24.56 -4.20
CA GLY A 202 -1.69 25.74 -4.79
C GLY A 202 -0.83 26.99 -4.77
N GLY A 203 0.01 27.12 -3.75
CA GLY A 203 0.86 28.30 -3.62
C GLY A 203 2.30 28.02 -3.21
N THR A 204 2.61 26.75 -2.87
CA THR A 204 3.92 26.33 -2.40
C THR A 204 4.41 25.06 -3.06
N PHE A 205 5.73 24.93 -3.15
CA PHE A 205 6.44 23.78 -3.72
C PHE A 205 7.42 23.29 -2.68
N ASP A 206 7.25 22.03 -2.21
CA ASP A 206 8.13 21.42 -1.25
C ASP A 206 8.67 20.13 -1.76
N VAL A 207 9.99 19.96 -1.66
CA VAL A 207 10.67 18.72 -1.97
C VAL A 207 11.31 18.24 -0.67
N SER A 208 11.10 16.96 -0.34
CA SER A 208 11.69 16.38 0.88
C SER A 208 12.34 15.04 0.61
N LEU A 209 13.53 14.82 1.19
CA LEU A 209 14.21 13.52 1.09
C LEU A 209 14.04 12.79 2.41
N LEU A 210 13.37 11.64 2.36
CA LEU A 210 13.15 10.82 3.56
C LEU A 210 13.84 9.46 3.42
N THR A 211 14.25 8.90 4.55
CA THR A 211 14.73 7.52 4.62
C THR A 211 13.66 6.79 5.44
N ILE A 212 13.42 5.54 5.11
CA ILE A 212 12.48 4.67 5.80
C ILE A 212 13.23 3.38 6.15
N ASP A 213 13.27 3.04 7.44
CA ASP A 213 13.97 1.85 7.90
C ASP A 213 13.04 1.10 8.83
N ASN A 214 12.42 0.01 8.33
CA ASN A 214 11.48 -0.86 9.06
C ASN A 214 10.39 -0.06 9.82
N GLY A 215 9.67 0.80 9.10
CA GLY A 215 8.63 1.65 9.67
C GLY A 215 9.10 2.93 10.35
N VAL A 216 10.41 3.15 10.43
CA VAL A 216 10.98 4.36 11.06
C VAL A 216 11.45 5.37 9.99
N PHE A 217 10.92 6.60 10.05
CA PHE A 217 11.23 7.69 9.12
C PHE A 217 12.22 8.70 9.68
N GLU A 218 12.97 9.31 8.78
CA GLU A 218 13.89 10.41 9.05
C GLU A 218 13.83 11.38 7.88
N VAL A 219 13.66 12.68 8.15
CA VAL A 219 13.69 13.72 7.11
C VAL A 219 15.17 14.10 6.99
N VAL A 220 15.80 13.70 5.89
CA VAL A 220 17.23 13.94 5.64
C VAL A 220 17.45 15.35 5.13
N ALA A 221 16.62 15.81 4.17
CA ALA A 221 16.78 17.16 3.61
C ALA A 221 15.48 17.67 3.06
N THR A 222 15.32 19.02 3.03
CA THR A 222 14.14 19.69 2.48
C THR A 222 14.60 20.84 1.59
N ASN A 223 13.79 21.17 0.58
CA ASN A 223 13.99 22.28 -0.34
C ASN A 223 12.66 22.58 -1.06
N GLY A 224 12.70 23.52 -1.98
CA GLY A 224 11.51 23.91 -2.73
C GLY A 224 11.46 25.40 -2.98
N ASP A 225 10.25 25.90 -3.22
CA ASP A 225 10.02 27.29 -3.51
C ASP A 225 8.73 27.69 -2.78
N THR A 226 8.87 28.53 -1.76
CA THR A 226 7.76 28.99 -0.91
C THR A 226 6.67 29.74 -1.69
N HIS A 227 7.00 30.28 -2.88
CA HIS A 227 6.07 31.05 -3.71
C HIS A 227 5.91 30.53 -5.14
N LEU A 228 5.76 29.20 -5.25
CA LEU A 228 5.53 28.53 -6.51
C LEU A 228 4.43 27.50 -6.35
N GLY A 229 3.37 27.64 -7.12
CA GLY A 229 2.29 26.67 -7.04
C GLY A 229 1.30 26.82 -8.18
N GLY A 230 0.23 26.05 -8.12
CA GLY A 230 -0.82 26.09 -9.14
C GLY A 230 -1.36 27.46 -9.45
N GLU A 231 -1.48 28.33 -8.42
CA GLU A 231 -1.98 29.71 -8.59
C GLU A 231 -1.10 30.51 -9.53
N ASP A 232 0.23 30.24 -9.53
CA ASP A 232 1.16 30.93 -10.42
C ASP A 232 0.96 30.50 -11.89
N PHE A 233 0.54 29.25 -12.12
CA PHE A 233 0.28 28.78 -13.50
C PHE A 233 -0.97 29.46 -14.05
N ASP A 234 -1.97 29.64 -13.18
CA ASP A 234 -3.22 30.33 -13.55
C ASP A 234 -2.92 31.77 -13.94
N GLN A 235 -2.08 32.44 -13.12
CA GLN A 235 -1.70 33.83 -13.33
C GLN A 235 -1.04 34.04 -14.67
N ARG A 236 -0.16 33.11 -15.08
CA ARG A 236 0.53 33.22 -16.38
C ARG A 236 -0.44 33.15 -17.54
N VAL A 237 -1.48 32.28 -17.41
CA VAL A 237 -2.51 32.12 -18.44
C VAL A 237 -3.37 33.41 -18.45
N MET A 238 -3.68 33.96 -17.26
CA MET A 238 -4.47 35.21 -17.14
C MET A 238 -3.79 36.36 -17.83
N GLU A 239 -2.52 36.64 -17.48
CA GLU A 239 -1.70 37.68 -18.12
C GLU A 239 -1.71 37.55 -19.65
N HIS A 240 -1.58 36.30 -20.15
CA HIS A 240 -1.60 35.97 -21.58
C HIS A 240 -2.91 36.41 -22.26
N PHE A 241 -4.07 36.02 -21.69
CA PHE A 241 -5.37 36.37 -22.29
C PHE A 241 -5.72 37.83 -22.10
N ILE A 242 -5.25 38.46 -21.00
CA ILE A 242 -5.47 39.89 -20.76
C ILE A 242 -4.75 40.67 -21.88
N LYS A 243 -3.49 40.28 -22.20
CA LYS A 243 -2.72 40.91 -23.29
C LYS A 243 -3.33 40.63 -24.66
N LEU A 244 -3.81 39.38 -24.91
CA LEU A 244 -4.48 39.00 -26.17
C LEU A 244 -5.79 39.80 -26.36
N TYR A 245 -6.56 40.03 -25.26
CA TYR A 245 -7.82 40.79 -25.31
C TYR A 245 -7.58 42.27 -25.63
N LYS A 246 -6.52 42.86 -25.01
CA LYS A 246 -6.06 44.24 -25.22
C LYS A 246 -5.61 44.44 -26.67
N LYS A 247 -5.05 43.40 -27.31
CA LYS A 247 -4.60 43.43 -28.70
C LYS A 247 -5.80 43.28 -29.67
N LYS A 248 -6.77 42.42 -29.32
CA LYS A 248 -7.92 42.12 -30.15
C LYS A 248 -9.04 43.18 -30.10
N THR A 249 -9.23 43.85 -28.94
CA THR A 249 -10.31 44.82 -28.73
C THR A 249 -9.83 46.23 -28.37
N GLY A 250 -8.61 46.36 -27.86
CA GLY A 250 -8.05 47.63 -27.41
C GLY A 250 -8.39 47.97 -25.97
N LYS A 251 -9.16 47.07 -25.29
CA LYS A 251 -9.62 47.27 -23.91
C LYS A 251 -8.72 46.62 -22.86
N ASP A 252 -8.47 47.34 -21.74
CA ASP A 252 -7.70 46.86 -20.59
C ASP A 252 -8.70 46.35 -19.55
N VAL A 253 -8.83 45.03 -19.45
CA VAL A 253 -9.81 44.37 -18.61
C VAL A 253 -9.49 44.42 -17.10
N ARG A 254 -8.24 44.81 -16.73
CA ARG A 254 -7.80 44.85 -15.32
C ARG A 254 -8.52 45.90 -14.45
N LYS A 255 -9.19 46.93 -15.04
CA LYS A 255 -9.92 47.95 -14.28
C LYS A 255 -11.10 47.33 -13.51
N ASP A 256 -11.77 46.34 -14.14
CA ASP A 256 -12.93 45.59 -13.61
C ASP A 256 -12.46 44.31 -12.87
N ASN A 257 -12.59 44.34 -11.53
CA ASN A 257 -12.21 43.22 -10.66
C ASN A 257 -13.04 41.97 -10.94
N ARG A 258 -14.34 42.16 -11.29
CA ARG A 258 -15.24 41.06 -11.63
C ARG A 258 -14.78 40.38 -12.92
N ALA A 259 -14.32 41.16 -13.96
CA ALA A 259 -13.86 40.61 -15.24
C ALA A 259 -12.63 39.71 -15.01
N VAL A 260 -11.65 40.23 -14.26
CA VAL A 260 -10.41 39.55 -13.88
C VAL A 260 -10.69 38.23 -13.13
N GLN A 261 -11.63 38.26 -12.15
CA GLN A 261 -11.99 37.07 -11.38
C GLN A 261 -12.75 36.07 -12.26
N LYS A 262 -13.57 36.57 -13.20
CA LYS A 262 -14.31 35.69 -14.12
C LYS A 262 -13.26 34.96 -14.96
N LEU A 263 -12.22 35.70 -15.47
CA LEU A 263 -11.14 35.08 -16.22
C LEU A 263 -10.37 34.07 -15.36
N ARG A 264 -10.02 34.46 -14.12
CA ARG A 264 -9.30 33.61 -13.16
C ARG A 264 -9.97 32.26 -12.96
N ARG A 265 -11.31 32.26 -12.69
CA ARG A 265 -12.08 31.04 -12.48
C ARG A 265 -12.10 30.15 -13.70
N GLU A 266 -12.33 30.74 -14.88
CA GLU A 266 -12.37 29.97 -16.13
C GLU A 266 -10.98 29.43 -16.54
N VAL A 267 -9.92 30.20 -16.26
CA VAL A 267 -8.53 29.81 -16.52
C VAL A 267 -8.12 28.59 -15.66
N GLU A 268 -8.56 28.59 -14.39
CA GLU A 268 -8.27 27.50 -13.45
C GLU A 268 -9.00 26.22 -13.90
N LYS A 269 -10.24 26.34 -14.43
CA LYS A 269 -11.02 25.22 -14.95
C LYS A 269 -10.37 24.65 -16.23
N ALA A 270 -9.98 25.54 -17.19
CA ALA A 270 -9.30 25.13 -18.42
C ALA A 270 -7.94 24.46 -18.11
N LYS A 271 -7.16 25.01 -17.13
CA LYS A 271 -5.90 24.39 -16.72
C LYS A 271 -6.11 22.95 -16.25
N ARG A 272 -7.08 22.72 -15.34
CA ARG A 272 -7.40 21.39 -14.83
C ARG A 272 -7.82 20.41 -15.90
N ALA A 273 -8.59 20.88 -16.92
CA ALA A 273 -9.05 20.10 -18.06
C ALA A 273 -7.86 19.69 -18.91
N LEU A 274 -6.85 20.58 -19.02
CA LEU A 274 -5.66 20.32 -19.83
C LEU A 274 -4.78 19.20 -19.28
N SER A 275 -5.05 18.75 -18.05
CA SER A 275 -4.31 17.62 -17.48
C SER A 275 -4.78 16.30 -18.10
N SER A 276 -5.93 16.29 -18.78
CA SER A 276 -6.48 15.09 -19.44
C SER A 276 -6.92 15.32 -20.90
N GLN A 277 -6.90 16.59 -21.39
CA GLN A 277 -7.26 16.98 -22.76
C GLN A 277 -6.13 17.83 -23.34
N HIS A 278 -6.09 17.94 -24.68
CA HIS A 278 -5.07 18.75 -25.36
C HIS A 278 -5.56 20.17 -25.68
N GLN A 279 -6.84 20.45 -25.44
CA GLN A 279 -7.49 21.73 -25.70
C GLN A 279 -8.66 21.95 -24.76
N ALA A 280 -8.91 23.21 -24.38
CA ALA A 280 -10.01 23.59 -23.51
C ALA A 280 -10.52 24.98 -23.88
N ARG A 281 -11.85 25.15 -23.85
CA ARG A 281 -12.51 26.41 -24.20
C ARG A 281 -12.71 27.25 -22.96
N ILE A 282 -12.33 28.54 -23.04
CA ILE A 282 -12.50 29.51 -21.97
C ILE A 282 -13.64 30.41 -22.47
N GLU A 283 -14.81 30.28 -21.81
CA GLU A 283 -16.02 30.98 -22.19
C GLU A 283 -16.54 31.82 -21.02
N ILE A 284 -16.73 33.13 -21.27
CA ILE A 284 -17.21 34.07 -20.25
C ILE A 284 -18.32 34.91 -20.83
N GLU A 285 -19.50 34.82 -20.23
CA GLU A 285 -20.66 35.59 -20.65
C GLU A 285 -20.53 36.94 -19.99
N SER A 286 -20.74 38.03 -20.77
CA SER A 286 -20.65 39.43 -20.33
C SER A 286 -19.37 39.66 -19.52
N PHE A 287 -18.23 39.33 -20.13
CA PHE A 287 -16.89 39.41 -19.53
C PHE A 287 -16.45 40.85 -19.24
N TYR A 288 -16.51 41.72 -20.24
CA TYR A 288 -16.11 43.12 -20.09
C TYR A 288 -16.97 43.99 -20.96
N GLU A 289 -17.55 45.07 -20.36
CA GLU A 289 -18.44 46.04 -21.02
C GLU A 289 -19.60 45.33 -21.74
N GLY A 290 -20.15 44.30 -21.08
CA GLY A 290 -21.24 43.49 -21.62
C GLY A 290 -20.86 42.55 -22.76
N GLU A 291 -19.56 42.51 -23.12
CA GLU A 291 -19.07 41.69 -24.23
C GLU A 291 -18.58 40.32 -23.77
N ASP A 292 -18.98 39.28 -24.50
CA ASP A 292 -18.60 37.89 -24.22
C ASP A 292 -17.16 37.60 -24.62
N PHE A 293 -16.55 36.66 -23.90
CA PHE A 293 -15.19 36.18 -24.14
C PHE A 293 -15.30 34.70 -24.53
N SER A 294 -14.61 34.30 -25.61
CA SER A 294 -14.57 32.92 -26.08
C SER A 294 -13.22 32.68 -26.75
N GLU A 295 -12.34 31.96 -26.06
CA GLU A 295 -10.99 31.65 -26.55
C GLU A 295 -10.64 30.22 -26.23
N THR A 296 -9.70 29.64 -26.99
CA THR A 296 -9.24 28.28 -26.71
C THR A 296 -7.80 28.32 -26.23
N LEU A 297 -7.50 27.43 -25.29
CA LEU A 297 -6.16 27.28 -24.77
C LEU A 297 -5.74 25.83 -25.03
N THR A 298 -4.63 25.65 -25.75
CA THR A 298 -4.07 24.32 -26.04
C THR A 298 -3.13 23.97 -24.87
N ARG A 299 -2.86 22.66 -24.68
CA ARG A 299 -1.93 22.22 -23.65
C ARG A 299 -0.53 22.75 -24.00
N ALA A 300 -0.20 22.78 -25.32
CA ALA A 300 1.08 23.28 -25.81
C ALA A 300 1.28 24.75 -25.40
N LYS A 301 0.24 25.61 -25.53
CA LYS A 301 0.35 27.02 -25.11
C LYS A 301 0.44 27.12 -23.58
N PHE A 302 -0.36 26.32 -22.85
CA PHE A 302 -0.31 26.30 -21.39
C PHE A 302 1.12 25.98 -20.89
N GLU A 303 1.77 24.97 -21.51
CA GLU A 303 3.13 24.53 -21.21
C GLU A 303 4.16 25.61 -21.52
N GLU A 304 4.13 26.24 -22.73
CA GLU A 304 5.11 27.28 -23.04
C GLU A 304 4.97 28.53 -22.13
N LEU A 305 3.71 28.92 -21.76
CA LEU A 305 3.50 30.07 -20.87
C LEU A 305 4.09 29.87 -19.48
N ASN A 306 4.24 28.59 -19.10
CA ASN A 306 4.71 28.16 -17.79
C ASN A 306 6.01 27.36 -17.81
N MET A 307 6.73 27.32 -18.96
CA MET A 307 7.93 26.49 -19.11
C MET A 307 9.03 26.74 -18.08
N ASP A 308 9.36 28.01 -17.83
CA ASP A 308 10.38 28.41 -16.86
C ASP A 308 9.97 27.94 -15.46
N LEU A 309 8.65 28.07 -15.13
CA LEU A 309 8.11 27.69 -13.82
C LEU A 309 8.16 26.21 -13.62
N PHE A 310 7.72 25.45 -14.61
CA PHE A 310 7.76 23.98 -14.52
C PHE A 310 9.19 23.48 -14.42
N ARG A 311 10.11 23.97 -15.28
CA ARG A 311 11.50 23.48 -15.22
C ARG A 311 12.20 23.91 -13.93
N SER A 312 11.75 25.01 -13.29
CA SER A 312 12.34 25.50 -12.05
C SER A 312 12.12 24.53 -10.87
N THR A 313 11.13 23.61 -10.99
CA THR A 313 10.84 22.63 -9.93
C THR A 313 11.96 21.57 -9.84
N MET A 314 12.84 21.51 -10.87
CA MET A 314 13.95 20.57 -10.95
C MET A 314 15.13 20.93 -10.06
N LYS A 315 15.43 22.24 -9.94
CA LYS A 315 16.54 22.76 -9.14
C LYS A 315 16.47 22.32 -7.66
N PRO A 316 15.33 22.49 -6.94
CA PRO A 316 15.26 22.00 -5.55
C PRO A 316 15.45 20.49 -5.41
N VAL A 317 15.01 19.71 -6.42
CA VAL A 317 15.18 18.25 -6.42
C VAL A 317 16.68 17.90 -6.51
N GLN A 318 17.43 18.66 -7.34
CA GLN A 318 18.87 18.44 -7.44
C GLN A 318 19.57 18.86 -6.13
N LYS A 319 19.08 19.95 -5.50
CA LYS A 319 19.58 20.48 -4.23
C LYS A 319 19.40 19.49 -3.06
N VAL A 320 18.21 18.88 -2.91
CA VAL A 320 17.99 17.90 -1.82
C VAL A 320 18.91 16.71 -1.95
N LEU A 321 19.15 16.22 -3.19
CA LEU A 321 20.03 15.08 -3.45
C LEU A 321 21.47 15.40 -3.04
N GLU A 322 21.90 16.66 -3.28
CA GLU A 322 23.24 17.13 -2.93
C GLU A 322 23.37 17.22 -1.40
N ASP A 323 22.36 17.81 -0.73
CA ASP A 323 22.31 17.94 0.73
C ASP A 323 22.19 16.59 1.45
N SER A 324 21.67 15.55 0.77
CA SER A 324 21.48 14.21 1.31
C SER A 324 22.68 13.29 1.02
N ASP A 325 23.64 13.79 0.22
CA ASP A 325 24.82 13.03 -0.24
C ASP A 325 24.35 11.76 -1.00
N LEU A 326 23.31 11.94 -1.84
CA LEU A 326 22.71 10.88 -2.63
C LEU A 326 22.70 11.23 -4.12
N LYS A 327 22.57 10.20 -4.95
CA LYS A 327 22.48 10.31 -6.40
C LYS A 327 21.05 9.92 -6.82
N LYS A 328 20.67 10.19 -8.08
CA LYS A 328 19.35 9.89 -8.66
C LYS A 328 18.96 8.41 -8.53
N SER A 329 19.93 7.50 -8.77
CA SER A 329 19.76 6.05 -8.70
C SER A 329 19.50 5.53 -7.27
N ASP A 330 19.83 6.34 -6.25
CA ASP A 330 19.60 5.97 -4.85
C ASP A 330 18.14 6.12 -4.41
N ILE A 331 17.34 6.89 -5.18
CA ILE A 331 15.91 7.12 -4.92
C ILE A 331 15.10 5.87 -5.28
N ASP A 332 14.49 5.26 -4.26
CA ASP A 332 13.70 4.04 -4.42
C ASP A 332 12.25 4.30 -4.69
N GLU A 333 11.72 5.41 -4.14
CA GLU A 333 10.33 5.83 -4.29
C GLU A 333 10.24 7.31 -4.58
N ILE A 334 9.39 7.68 -5.54
CA ILE A 334 9.07 9.08 -5.87
C ILE A 334 7.58 9.23 -5.55
N VAL A 335 7.24 10.07 -4.57
CA VAL A 335 5.86 10.30 -4.18
C VAL A 335 5.45 11.72 -4.60
N LEU A 336 4.40 11.84 -5.44
CA LEU A 336 3.87 13.13 -5.90
C LEU A 336 2.68 13.53 -5.04
N VAL A 337 2.69 14.76 -4.56
CA VAL A 337 1.69 15.34 -3.65
C VAL A 337 1.29 16.68 -4.21
N GLY A 338 0.04 17.06 -4.00
CA GLY A 338 -0.48 18.34 -4.47
C GLY A 338 -1.16 18.18 -5.81
N GLY A 339 -2.29 18.85 -5.98
CA GLY A 339 -3.10 18.80 -7.19
C GLY A 339 -2.38 19.19 -8.46
N SER A 340 -1.37 20.07 -8.33
CA SER A 340 -0.59 20.53 -9.47
C SER A 340 0.29 19.41 -10.08
N THR A 341 0.55 18.32 -9.32
CA THR A 341 1.34 17.21 -9.85
C THR A 341 0.58 16.41 -10.92
N ARG A 342 -0.70 16.72 -11.15
CA ARG A 342 -1.50 16.10 -12.23
C ARG A 342 -1.06 16.64 -13.59
N ILE A 343 -0.39 17.81 -13.63
CA ILE A 343 0.06 18.41 -14.89
C ILE A 343 1.01 17.44 -15.62
N PRO A 344 0.63 16.96 -16.85
CA PRO A 344 1.48 16.01 -17.57
C PRO A 344 2.93 16.45 -17.72
N LYS A 345 3.21 17.75 -18.01
CA LYS A 345 4.57 18.26 -18.14
C LYS A 345 5.37 18.12 -16.84
N ILE A 346 4.71 18.33 -15.69
CA ILE A 346 5.31 18.16 -14.34
C ILE A 346 5.72 16.69 -14.15
N GLN A 347 4.80 15.74 -14.43
CA GLN A 347 5.05 14.29 -14.33
C GLN A 347 6.18 13.84 -15.27
N GLN A 348 6.24 14.44 -16.47
CA GLN A 348 7.23 14.19 -17.49
C GLN A 348 8.62 14.65 -17.03
N LEU A 349 8.73 15.87 -16.48
CA LEU A 349 10.00 16.43 -15.97
C LEU A 349 10.56 15.62 -14.81
N VAL A 350 9.68 15.19 -13.88
CA VAL A 350 10.09 14.39 -12.72
C VAL A 350 10.65 13.04 -13.21
N LYS A 351 9.93 12.38 -14.14
CA LYS A 351 10.31 11.11 -14.77
C LYS A 351 11.64 11.24 -15.50
N GLU A 352 11.82 12.30 -16.30
CA GLU A 352 13.06 12.58 -17.07
C GLU A 352 14.23 12.81 -16.11
N PHE A 353 13.98 13.58 -15.02
CA PHE A 353 15.01 13.84 -14.01
C PHE A 353 15.52 12.52 -13.42
N PHE A 354 14.61 11.57 -13.16
CA PHE A 354 14.97 10.28 -12.59
C PHE A 354 15.17 9.17 -13.63
N ASN A 355 15.56 9.58 -14.86
CA ASN A 355 15.91 8.73 -16.01
C ASN A 355 14.87 7.63 -16.33
N GLY A 356 13.59 8.02 -16.36
CA GLY A 356 12.51 7.10 -16.70
C GLY A 356 11.83 6.40 -15.54
N LYS A 357 12.33 6.59 -14.32
CA LYS A 357 11.70 5.99 -13.13
C LYS A 357 10.26 6.53 -12.93
N GLU A 358 9.29 5.61 -12.85
CA GLU A 358 7.88 5.96 -12.67
C GLU A 358 7.60 6.29 -11.20
N PRO A 359 6.92 7.42 -10.93
CA PRO A 359 6.60 7.74 -9.52
C PRO A 359 5.48 6.85 -8.99
N SER A 360 5.33 6.78 -7.64
CA SER A 360 4.24 6.04 -6.99
C SER A 360 2.94 6.66 -7.48
N ARG A 361 1.91 5.86 -7.70
CA ARG A 361 0.67 6.42 -8.22
C ARG A 361 -0.48 5.70 -7.60
N GLY A 362 -1.66 6.33 -7.65
CA GLY A 362 -2.88 5.71 -7.18
C GLY A 362 -3.58 6.37 -6.03
N ILE A 363 -2.86 7.19 -5.26
CA ILE A 363 -3.52 7.92 -4.19
C ILE A 363 -3.67 9.35 -4.69
N ASN A 364 -4.91 9.86 -4.64
CA ASN A 364 -5.26 11.22 -5.03
C ASN A 364 -4.18 12.19 -4.44
N PRO A 365 -3.44 12.93 -5.27
CA PRO A 365 -2.36 13.78 -4.72
C PRO A 365 -2.82 14.94 -3.82
N ASP A 366 -4.10 15.36 -3.94
CA ASP A 366 -4.69 16.40 -3.09
C ASP A 366 -5.05 15.85 -1.72
N GLU A 367 -5.21 14.53 -1.62
CA GLU A 367 -5.67 13.88 -0.40
C GLU A 367 -4.64 13.02 0.29
N ALA A 368 -3.49 12.75 -0.37
CA ALA A 368 -2.47 11.85 0.18
C ALA A 368 -2.01 12.19 1.58
N VAL A 369 -1.81 13.49 1.89
CA VAL A 369 -1.33 13.95 3.20
C VAL A 369 -2.38 13.68 4.30
N ALA A 370 -3.66 14.04 4.06
CA ALA A 370 -4.75 13.75 5.03
C ALA A 370 -4.94 12.24 5.18
N TYR A 371 -4.76 11.48 4.09
CA TYR A 371 -4.88 10.02 4.08
C TYR A 371 -3.91 9.42 5.10
N GLY A 372 -2.64 9.82 5.00
CA GLY A 372 -1.59 9.36 5.90
C GLY A 372 -1.83 9.76 7.34
N ALA A 373 -2.31 11.01 7.58
CA ALA A 373 -2.67 11.53 8.90
C ALA A 373 -3.83 10.68 9.49
N ALA A 374 -4.80 10.28 8.63
CA ALA A 374 -5.95 9.45 9.02
C ALA A 374 -5.53 8.03 9.39
N VAL A 375 -4.47 7.51 8.73
CA VAL A 375 -3.94 6.16 9.02
C VAL A 375 -3.40 6.19 10.46
N GLN A 376 -2.65 7.25 10.79
CA GLN A 376 -2.10 7.42 12.13
C GLN A 376 -3.20 7.66 13.16
N ALA A 377 -4.24 8.45 12.81
CA ALA A 377 -5.43 8.72 13.62
C ALA A 377 -6.17 7.41 13.95
N GLY A 378 -6.19 6.47 13.01
CA GLY A 378 -6.82 5.16 13.18
C GLY A 378 -6.16 4.34 14.28
N VAL A 379 -4.82 4.35 14.29
CA VAL A 379 -4.01 3.64 15.30
C VAL A 379 -4.27 4.23 16.71
N LEU A 380 -4.51 5.56 16.81
CA LEU A 380 -4.77 6.28 18.07
C LEU A 380 -6.21 6.20 18.55
N SER A 381 -7.17 5.94 17.64
CA SER A 381 -8.58 5.81 17.99
C SER A 381 -8.91 4.53 18.77
N GLY A 382 -8.13 3.48 18.53
CA GLY A 382 -8.31 2.18 19.17
C GLY A 382 -9.19 1.25 18.36
N VAL B 2 -20.26 -11.20 13.98
CA VAL B 2 -19.09 -11.66 13.22
C VAL B 2 -17.80 -11.57 14.06
N GLY B 3 -17.79 -10.65 15.04
CA GLY B 3 -16.65 -10.39 15.91
C GLY B 3 -15.41 -10.05 15.11
N THR B 4 -14.26 -10.60 15.49
CA THR B 4 -13.03 -10.37 14.74
C THR B 4 -12.93 -11.43 13.64
N VAL B 5 -13.00 -10.98 12.37
CA VAL B 5 -12.89 -11.85 11.19
C VAL B 5 -11.41 -12.14 10.94
N VAL B 6 -11.06 -13.42 10.73
CA VAL B 6 -9.67 -13.81 10.46
C VAL B 6 -9.44 -13.96 8.93
N GLY B 7 -8.22 -13.68 8.50
CA GLY B 7 -7.79 -13.89 7.12
C GLY B 7 -6.91 -15.11 7.09
N ILE B 8 -7.33 -16.15 6.34
CA ILE B 8 -6.58 -17.41 6.26
C ILE B 8 -6.11 -17.79 4.85
N ASP B 9 -4.80 -18.02 4.75
CA ASP B 9 -4.16 -18.58 3.57
C ASP B 9 -4.11 -20.09 3.89
N LEU B 10 -4.95 -20.90 3.25
CA LEU B 10 -4.99 -22.35 3.46
C LEU B 10 -4.20 -22.94 2.31
N GLY B 11 -2.90 -23.05 2.53
CA GLY B 11 -1.97 -23.49 1.50
C GLY B 11 -1.84 -24.98 1.37
N THR B 12 -1.23 -25.41 0.24
CA THR B 12 -1.00 -26.84 -0.03
C THR B 12 -0.07 -27.42 1.04
N THR B 13 1.04 -26.76 1.30
CA THR B 13 2.03 -27.28 2.25
C THR B 13 2.02 -26.50 3.58
N TYR B 14 1.76 -25.18 3.54
CA TYR B 14 1.73 -24.30 4.71
C TYR B 14 0.51 -23.42 4.72
N SER B 15 0.03 -23.09 5.91
CA SER B 15 -1.09 -22.18 6.11
C SER B 15 -0.63 -21.04 7.01
N CYS B 16 -1.32 -19.89 6.89
CA CYS B 16 -0.97 -18.67 7.59
C CYS B 16 -2.25 -17.93 7.95
N VAL B 17 -2.31 -17.39 9.20
CA VAL B 17 -3.50 -16.69 9.68
C VAL B 17 -3.13 -15.31 10.18
N GLY B 18 -3.93 -14.33 9.74
CA GLY B 18 -3.83 -12.95 10.14
C GLY B 18 -5.15 -12.36 10.61
N VAL B 19 -5.05 -11.26 11.37
CA VAL B 19 -6.17 -10.47 11.87
C VAL B 19 -5.81 -9.00 11.68
N PHE B 20 -6.83 -8.17 11.45
CA PHE B 20 -6.65 -6.74 11.38
C PHE B 20 -6.99 -6.23 12.79
N LYS B 21 -5.99 -5.67 13.49
CA LYS B 21 -6.12 -5.19 14.87
C LYS B 21 -5.36 -3.88 15.06
N ASN B 22 -6.01 -2.87 15.69
CA ASN B 22 -5.44 -1.56 16.00
C ASN B 22 -4.75 -0.89 14.77
N GLY B 23 -5.48 -0.84 13.66
CA GLY B 23 -5.06 -0.21 12.41
C GLY B 23 -4.00 -0.91 11.58
N ARG B 24 -3.69 -2.19 11.91
CA ARG B 24 -2.63 -2.95 11.24
C ARG B 24 -2.95 -4.44 11.14
N VAL B 25 -2.28 -5.17 10.20
CA VAL B 25 -2.41 -6.62 10.06
C VAL B 25 -1.40 -7.29 11.00
N GLU B 26 -1.91 -8.18 11.87
CA GLU B 26 -1.11 -8.96 12.78
C GLU B 26 -1.13 -10.40 12.29
N ILE B 27 0.05 -10.91 11.89
CA ILE B 27 0.17 -12.31 11.47
C ILE B 27 0.40 -13.06 12.78
N ILE B 28 -0.43 -14.05 13.06
CA ILE B 28 -0.43 -14.76 14.35
C ILE B 28 0.48 -16.01 14.38
N ALA B 29 1.42 -16.07 15.37
CA ALA B 29 2.26 -17.26 15.52
C ALA B 29 1.43 -18.34 16.27
N ASN B 30 1.66 -19.62 15.96
CA ASN B 30 0.98 -20.74 16.62
C ASN B 30 1.58 -21.03 18.01
N ASP B 31 1.20 -22.18 18.63
CA ASP B 31 1.71 -22.65 19.92
C ASP B 31 3.22 -23.01 19.88
N GLN B 32 3.79 -23.17 18.67
CA GLN B 32 5.21 -23.47 18.49
C GLN B 32 6.00 -22.20 18.18
N GLY B 33 5.30 -21.05 18.21
CA GLY B 33 5.86 -19.73 17.93
C GLY B 33 6.14 -19.50 16.45
N ASN B 34 5.49 -20.30 15.56
CA ASN B 34 5.68 -20.21 14.11
C ASN B 34 4.54 -19.49 13.46
N ARG B 35 4.86 -18.53 12.54
CA ARG B 35 3.93 -17.70 11.79
C ARG B 35 3.33 -18.42 10.58
N ILE B 36 3.89 -19.61 10.24
CA ILE B 36 3.31 -20.49 9.23
C ILE B 36 3.18 -21.85 9.89
N THR B 37 2.09 -22.56 9.54
CA THR B 37 1.80 -23.86 10.09
C THR B 37 1.74 -24.85 8.92
N PRO B 38 2.47 -25.98 8.99
CA PRO B 38 2.33 -27.00 7.93
C PRO B 38 0.88 -27.46 7.84
N SER B 39 0.37 -27.66 6.61
CA SER B 39 -1.01 -28.14 6.41
C SER B 39 -0.99 -29.68 6.51
N TYR B 40 -0.60 -30.19 7.69
CA TYR B 40 -0.38 -31.61 7.99
C TYR B 40 -1.28 -32.11 9.09
N VAL B 41 -1.75 -33.38 8.96
CA VAL B 41 -2.59 -34.05 9.95
C VAL B 41 -2.00 -35.47 10.15
N ALA B 42 -1.73 -35.85 11.39
CA ALA B 42 -1.19 -37.18 11.67
C ALA B 42 -2.06 -37.91 12.67
N PHE B 43 -2.28 -39.20 12.40
CA PHE B 43 -3.04 -40.12 13.24
C PHE B 43 -1.97 -41.07 13.79
N THR B 44 -1.66 -40.95 15.08
CA THR B 44 -0.60 -41.74 15.72
C THR B 44 -1.07 -43.18 15.97
N PRO B 45 -0.15 -44.18 16.05
CA PRO B 45 -0.58 -45.55 16.40
C PRO B 45 -1.37 -45.55 17.72
N GLU B 46 -0.95 -44.70 18.69
CA GLU B 46 -1.58 -44.47 20.00
C GLU B 46 -3.06 -43.99 19.88
N GLY B 47 -3.37 -43.27 18.80
CA GLY B 47 -4.69 -42.75 18.51
C GLY B 47 -4.82 -41.23 18.59
N GLU B 48 -3.67 -40.55 18.73
CA GLU B 48 -3.60 -39.09 18.85
C GLU B 48 -3.67 -38.41 17.48
N ARG B 49 -4.55 -37.41 17.36
CA ARG B 49 -4.73 -36.61 16.14
C ARG B 49 -3.87 -35.34 16.28
N LEU B 50 -2.75 -35.26 15.53
CA LEU B 50 -1.77 -34.16 15.56
C LEU B 50 -1.95 -33.26 14.33
N ILE B 51 -1.88 -31.93 14.50
CA ILE B 51 -2.07 -30.97 13.40
C ILE B 51 -0.92 -29.98 13.35
N GLY B 52 -0.43 -29.72 12.14
CA GLY B 52 0.62 -28.74 11.92
C GLY B 52 2.01 -29.28 12.13
N ASP B 53 2.84 -28.51 12.86
CA ASP B 53 4.25 -28.83 13.18
C ASP B 53 4.42 -30.20 13.84
N ALA B 54 3.57 -30.50 14.85
CA ALA B 54 3.59 -31.78 15.56
C ALA B 54 3.35 -32.95 14.59
N ALA B 55 2.45 -32.77 13.60
CA ALA B 55 2.18 -33.79 12.58
C ALA B 55 3.37 -33.93 11.62
N LYS B 56 3.96 -32.79 11.19
CA LYS B 56 5.09 -32.76 10.25
C LYS B 56 6.36 -33.38 10.81
N ASN B 57 6.61 -33.19 12.11
CA ASN B 57 7.80 -33.65 12.80
C ASN B 57 7.77 -35.15 13.19
N GLN B 58 6.76 -35.92 12.70
CA GLN B 58 6.65 -37.38 12.93
C GLN B 58 6.40 -38.20 11.61
N LEU B 59 6.51 -37.51 10.46
CA LEU B 59 6.32 -38.00 9.07
C LEU B 59 6.76 -39.44 8.76
N THR B 60 8.07 -39.74 8.81
CA THR B 60 8.59 -41.08 8.48
C THR B 60 8.44 -42.08 9.61
N SER B 61 8.16 -41.58 10.82
CA SER B 61 7.89 -42.41 11.99
C SER B 61 6.35 -42.58 12.05
N ASN B 62 5.73 -42.76 10.85
CA ASN B 62 4.31 -42.94 10.49
C ASN B 62 4.10 -42.56 8.99
N PRO B 63 4.72 -43.26 8.00
CA PRO B 63 4.63 -42.77 6.60
C PRO B 63 3.27 -42.86 5.91
N GLU B 64 2.38 -43.76 6.35
CA GLU B 64 1.08 -43.91 5.69
C GLU B 64 -0.08 -43.23 6.44
N ASN B 65 0.13 -42.83 7.72
CA ASN B 65 -0.93 -42.20 8.49
C ASN B 65 -0.69 -40.71 8.77
N THR B 66 0.21 -40.09 8.01
CA THR B 66 0.47 -38.66 8.06
C THR B 66 -0.05 -38.09 6.75
N VAL B 67 -1.10 -37.27 6.86
CA VAL B 67 -1.83 -36.67 5.74
C VAL B 67 -1.38 -35.22 5.52
N PHE B 68 -1.16 -34.90 4.27
CA PHE B 68 -0.74 -33.58 3.79
C PHE B 68 -1.24 -33.51 2.37
N ASP B 69 -1.13 -32.33 1.74
CA ASP B 69 -1.48 -32.13 0.35
C ASP B 69 -2.96 -32.37 0.06
N ALA B 70 -3.84 -32.31 1.10
CA ALA B 70 -5.28 -32.49 0.92
C ALA B 70 -5.80 -31.51 -0.15
N LYS B 71 -5.16 -30.33 -0.24
CA LYS B 71 -5.48 -29.28 -1.19
C LYS B 71 -5.40 -29.74 -2.66
N ARG B 72 -4.55 -30.76 -2.95
CA ARG B 72 -4.42 -31.31 -4.29
C ARG B 72 -5.71 -32.06 -4.69
N LEU B 73 -6.50 -32.52 -3.67
CA LEU B 73 -7.70 -33.32 -3.92
C LEU B 73 -9.03 -32.63 -3.68
N ILE B 74 -9.03 -31.55 -2.86
CA ILE B 74 -10.21 -30.80 -2.45
C ILE B 74 -11.05 -30.37 -3.65
N GLY B 75 -12.34 -30.72 -3.59
CA GLY B 75 -13.35 -30.40 -4.59
C GLY B 75 -13.14 -31.00 -5.98
N ARG B 76 -12.42 -32.11 -6.07
CA ARG B 76 -12.17 -32.77 -7.36
C ARG B 76 -12.86 -34.12 -7.44
N THR B 77 -13.19 -34.56 -8.64
CA THR B 77 -13.83 -35.86 -8.82
C THR B 77 -12.74 -36.92 -8.87
N TRP B 78 -13.12 -38.19 -8.69
CA TRP B 78 -12.16 -39.29 -8.71
C TRP B 78 -11.41 -39.33 -10.02
N ASN B 79 -12.16 -39.26 -11.15
CA ASN B 79 -11.57 -39.41 -12.47
C ASN B 79 -10.87 -38.16 -13.00
N ASP B 80 -10.77 -37.05 -12.22
CA ASP B 80 -10.04 -35.84 -12.64
C ASP B 80 -8.58 -36.31 -12.90
N PRO B 81 -8.00 -36.13 -14.13
CA PRO B 81 -6.63 -36.66 -14.39
C PRO B 81 -5.59 -36.22 -13.35
N SER B 82 -5.79 -35.04 -12.75
CA SER B 82 -4.95 -34.48 -11.70
C SER B 82 -5.01 -35.39 -10.46
N VAL B 83 -6.22 -35.87 -10.09
CA VAL B 83 -6.43 -36.78 -8.96
C VAL B 83 -5.74 -38.10 -9.24
N GLN B 84 -6.03 -38.69 -10.42
CA GLN B 84 -5.48 -39.97 -10.85
C GLN B 84 -3.96 -39.98 -10.85
N GLN B 85 -3.33 -38.85 -11.21
CA GLN B 85 -1.89 -38.70 -11.18
C GLN B 85 -1.38 -38.56 -9.73
N ASP B 86 -2.01 -37.66 -8.93
CA ASP B 86 -1.60 -37.39 -7.53
C ASP B 86 -1.66 -38.57 -6.59
N ILE B 87 -2.68 -39.42 -6.73
CA ILE B 87 -2.87 -40.55 -5.83
C ILE B 87 -1.73 -41.58 -5.94
N LYS B 88 -0.97 -41.57 -7.05
CA LYS B 88 0.19 -42.44 -7.26
C LYS B 88 1.37 -41.99 -6.38
N PHE B 89 1.60 -40.65 -6.29
CA PHE B 89 2.66 -39.95 -5.57
C PHE B 89 2.53 -39.96 -4.04
N LEU B 90 1.30 -39.80 -3.53
CA LEU B 90 1.02 -39.68 -2.10
C LEU B 90 1.28 -40.97 -1.30
N PRO B 91 2.01 -40.89 -0.16
CA PRO B 91 2.31 -42.09 0.64
C PRO B 91 1.12 -42.69 1.39
N PHE B 92 0.09 -41.88 1.62
CA PHE B 92 -1.12 -42.34 2.30
C PHE B 92 -2.07 -42.92 1.25
N LYS B 93 -3.01 -43.77 1.69
CA LYS B 93 -4.00 -44.39 0.83
C LYS B 93 -5.10 -43.40 0.44
N VAL B 94 -5.40 -43.33 -0.86
CA VAL B 94 -6.49 -42.51 -1.40
C VAL B 94 -7.44 -43.48 -2.13
N VAL B 95 -8.70 -43.55 -1.71
CA VAL B 95 -9.70 -44.49 -2.22
C VAL B 95 -10.90 -43.82 -2.85
N GLU B 96 -11.57 -44.55 -3.73
CA GLU B 96 -12.79 -44.10 -4.40
C GLU B 96 -13.99 -44.47 -3.54
N LYS B 97 -14.08 -43.91 -2.33
CA LYS B 97 -15.27 -44.10 -1.48
C LYS B 97 -16.20 -43.05 -2.07
N LYS B 98 -17.48 -43.40 -2.26
CA LYS B 98 -18.47 -42.55 -2.96
C LYS B 98 -18.11 -42.55 -4.47
N THR B 99 -17.45 -41.47 -5.00
CA THR B 99 -16.98 -41.31 -6.40
C THR B 99 -15.99 -40.15 -6.46
N LYS B 100 -15.58 -39.75 -5.29
CA LYS B 100 -14.65 -38.66 -5.11
C LYS B 100 -13.46 -39.30 -4.43
N PRO B 101 -12.27 -38.66 -4.43
CA PRO B 101 -11.11 -39.24 -3.72
C PRO B 101 -11.23 -39.02 -2.21
N TYR B 102 -11.19 -40.09 -1.42
CA TYR B 102 -11.22 -40.04 0.05
C TYR B 102 -9.87 -40.54 0.58
N ILE B 103 -9.42 -40.01 1.71
CA ILE B 103 -8.15 -40.40 2.34
C ILE B 103 -8.43 -41.47 3.40
N GLN B 104 -7.74 -42.61 3.29
CA GLN B 104 -7.93 -43.73 4.21
C GLN B 104 -6.73 -43.85 5.15
N VAL B 105 -6.96 -43.87 6.47
CA VAL B 105 -5.90 -43.95 7.50
C VAL B 105 -6.30 -44.83 8.68
N ASP B 106 -5.30 -45.33 9.43
CA ASP B 106 -5.50 -46.07 10.66
C ASP B 106 -5.47 -45.00 11.76
N ILE B 107 -6.66 -44.62 12.27
CA ILE B 107 -6.83 -43.60 13.32
C ILE B 107 -6.25 -44.09 14.65
N GLY B 108 -6.24 -45.41 14.86
CA GLY B 108 -5.70 -46.04 16.06
C GLY B 108 -6.59 -47.13 16.63
N GLY B 109 -6.01 -48.31 16.85
CA GLY B 109 -6.69 -49.46 17.43
C GLY B 109 -7.41 -50.37 16.46
N GLY B 110 -6.90 -50.47 15.23
CA GLY B 110 -7.46 -51.30 14.17
C GLY B 110 -8.56 -50.65 13.34
N GLN B 111 -9.08 -49.49 13.80
CA GLN B 111 -10.15 -48.75 13.11
C GLN B 111 -9.52 -47.94 11.97
N THR B 112 -9.95 -48.22 10.72
CA THR B 112 -9.46 -47.50 9.55
C THR B 112 -10.57 -46.57 9.06
N LYS B 113 -10.34 -45.25 9.22
CA LYS B 113 -11.31 -44.22 8.86
C LYS B 113 -11.06 -43.65 7.48
N THR B 114 -12.10 -43.08 6.88
CA THR B 114 -12.03 -42.50 5.55
C THR B 114 -12.45 -41.01 5.63
N PHE B 115 -11.65 -40.12 5.03
CA PHE B 115 -11.91 -38.68 5.09
C PHE B 115 -11.95 -38.02 3.74
N ALA B 116 -12.95 -37.15 3.58
CA ALA B 116 -13.07 -36.33 2.39
C ALA B 116 -11.90 -35.30 2.47
N PRO B 117 -11.34 -34.83 1.33
CA PRO B 117 -10.26 -33.82 1.40
C PRO B 117 -10.64 -32.58 2.21
N GLU B 118 -11.94 -32.22 2.21
CA GLU B 118 -12.45 -31.08 2.97
C GLU B 118 -12.43 -31.33 4.48
N GLU B 119 -12.42 -32.60 4.91
CA GLU B 119 -12.37 -32.99 6.33
C GLU B 119 -10.96 -32.80 6.90
N ILE B 120 -9.93 -33.07 6.06
CA ILE B 120 -8.53 -32.90 6.46
C ILE B 120 -8.27 -31.40 6.57
N SER B 121 -8.65 -30.64 5.51
CA SER B 121 -8.49 -29.17 5.48
C SER B 121 -9.24 -28.51 6.63
N ALA B 122 -10.37 -29.13 7.05
CA ALA B 122 -11.18 -28.67 8.18
C ALA B 122 -10.38 -28.77 9.47
N MET B 123 -9.53 -29.82 9.61
CA MET B 123 -8.67 -30.04 10.78
C MET B 123 -7.55 -28.99 10.83
N VAL B 124 -7.00 -28.63 9.64
CA VAL B 124 -5.99 -27.59 9.48
C VAL B 124 -6.63 -26.24 9.83
N LEU B 125 -7.84 -25.96 9.32
CA LEU B 125 -8.56 -24.71 9.63
C LEU B 125 -8.89 -24.59 11.11
N THR B 126 -9.26 -25.73 11.78
CA THR B 126 -9.53 -25.73 13.23
C THR B 126 -8.26 -25.27 13.97
N LYS B 127 -7.08 -25.78 13.54
CA LYS B 127 -5.79 -25.43 14.13
C LYS B 127 -5.50 -23.93 13.92
N MET B 128 -5.73 -23.40 12.67
CA MET B 128 -5.52 -21.95 12.36
C MET B 128 -6.52 -21.08 13.16
N LYS B 129 -7.76 -21.60 13.38
CA LYS B 129 -8.80 -20.95 14.21
C LYS B 129 -8.34 -20.91 15.67
N GLU B 130 -7.78 -22.02 16.21
CA GLU B 130 -7.29 -22.07 17.60
C GLU B 130 -6.08 -21.16 17.81
N THR B 131 -5.20 -21.05 16.81
CA THR B 131 -4.03 -20.16 16.84
C THR B 131 -4.54 -18.73 17.03
N ALA B 132 -5.54 -18.33 16.23
CA ALA B 132 -6.14 -17.00 16.28
C ALA B 132 -6.86 -16.73 17.60
N GLU B 133 -7.63 -17.73 18.10
CA GLU B 133 -8.38 -17.61 19.37
C GLU B 133 -7.49 -17.47 20.58
N ALA B 134 -6.33 -18.18 20.58
CA ALA B 134 -5.35 -18.09 21.67
C ALA B 134 -4.77 -16.68 21.73
N TYR B 135 -4.54 -16.08 20.54
CA TYR B 135 -4.02 -14.73 20.39
C TYR B 135 -5.06 -13.66 20.81
N LEU B 136 -6.27 -13.76 20.26
CA LEU B 136 -7.36 -12.82 20.47
C LEU B 136 -8.03 -12.87 21.85
N GLY B 137 -7.96 -14.03 22.51
CA GLY B 137 -8.58 -14.25 23.82
C GLY B 137 -10.09 -14.29 23.72
N LYS B 138 -10.59 -14.56 22.50
CA LYS B 138 -12.01 -14.64 22.18
C LYS B 138 -12.25 -15.69 21.11
N LYS B 139 -13.52 -16.07 20.92
CA LYS B 139 -13.97 -17.04 19.95
C LYS B 139 -14.01 -16.43 18.55
N VAL B 140 -13.50 -17.19 17.58
CA VAL B 140 -13.45 -16.82 16.16
C VAL B 140 -14.53 -17.64 15.47
N THR B 141 -15.43 -16.95 14.75
CA THR B 141 -16.53 -17.62 14.06
C THR B 141 -16.55 -17.34 12.56
N HIS B 142 -15.92 -16.23 12.13
CA HIS B 142 -15.93 -15.81 10.74
C HIS B 142 -14.55 -15.68 10.15
N ALA B 143 -14.43 -15.92 8.84
CA ALA B 143 -13.15 -15.89 8.13
C ALA B 143 -13.25 -15.50 6.66
N VAL B 144 -12.12 -15.06 6.12
CA VAL B 144 -11.90 -14.82 4.70
C VAL B 144 -10.83 -15.88 4.40
N VAL B 145 -11.11 -16.79 3.46
CA VAL B 145 -10.16 -17.86 3.11
C VAL B 145 -9.74 -17.73 1.66
N THR B 146 -8.45 -17.88 1.38
CA THR B 146 -7.90 -17.77 0.03
C THR B 146 -7.83 -19.13 -0.67
N VAL B 147 -7.83 -19.10 -2.00
CA VAL B 147 -7.77 -20.27 -2.87
C VAL B 147 -6.91 -19.91 -4.10
N PRO B 148 -6.27 -20.88 -4.79
CA PRO B 148 -5.58 -20.54 -6.04
C PRO B 148 -6.58 -19.97 -7.06
N ALA B 149 -6.12 -19.00 -7.87
CA ALA B 149 -6.95 -18.34 -8.87
C ALA B 149 -7.58 -19.32 -9.88
N TYR B 150 -6.92 -20.48 -10.12
CA TYR B 150 -7.45 -21.50 -11.05
C TYR B 150 -8.57 -22.36 -10.43
N PHE B 151 -8.82 -22.26 -9.09
CA PHE B 151 -9.86 -23.07 -8.46
C PHE B 151 -11.24 -22.84 -9.12
N ASN B 152 -11.96 -23.95 -9.45
CA ASN B 152 -13.32 -23.89 -10.04
C ASN B 152 -14.36 -23.71 -8.92
N ASP B 153 -15.69 -23.64 -9.25
CA ASP B 153 -16.74 -23.44 -8.24
C ASP B 153 -16.83 -24.60 -7.22
N ALA B 154 -16.61 -25.84 -7.66
CA ALA B 154 -16.58 -27.04 -6.79
C ALA B 154 -15.49 -26.91 -5.69
N GLN B 155 -14.25 -26.52 -6.08
CA GLN B 155 -13.11 -26.41 -5.16
C GLN B 155 -13.28 -25.24 -4.20
N ARG B 156 -13.94 -24.15 -4.66
CA ARG B 156 -14.25 -22.97 -3.83
C ARG B 156 -15.29 -23.36 -2.76
N GLN B 157 -16.34 -24.07 -3.19
CA GLN B 157 -17.42 -24.55 -2.30
C GLN B 157 -16.89 -25.57 -1.26
N ALA B 158 -15.97 -26.47 -1.68
CA ALA B 158 -15.38 -27.47 -0.78
C ALA B 158 -14.49 -26.77 0.25
N THR B 159 -13.83 -25.67 -0.16
CA THR B 159 -13.00 -24.89 0.78
C THR B 159 -13.93 -24.27 1.85
N LYS B 160 -15.07 -23.67 1.43
CA LYS B 160 -16.08 -23.08 2.33
C LYS B 160 -16.65 -24.16 3.26
N ASP B 161 -16.93 -25.37 2.70
CA ASP B 161 -17.45 -26.57 3.38
C ASP B 161 -16.45 -26.98 4.45
N ALA B 162 -15.13 -27.02 4.11
CA ALA B 162 -14.03 -27.28 5.06
C ALA B 162 -14.12 -26.28 6.24
N GLY B 163 -14.35 -24.98 5.93
CA GLY B 163 -14.55 -23.93 6.94
C GLY B 163 -15.75 -24.21 7.83
N THR B 164 -16.91 -24.61 7.23
CA THR B 164 -18.13 -24.97 7.95
C THR B 164 -17.85 -26.09 8.98
N ILE B 165 -17.15 -27.18 8.55
CA ILE B 165 -16.79 -28.31 9.44
C ILE B 165 -15.92 -27.83 10.61
N ALA B 166 -15.03 -26.88 10.34
CA ALA B 166 -14.13 -26.26 11.32
C ALA B 166 -14.83 -25.26 12.27
N GLY B 167 -16.13 -24.99 12.03
CA GLY B 167 -16.92 -24.04 12.80
C GLY B 167 -16.63 -22.60 12.41
N LEU B 168 -16.26 -22.38 11.13
CA LEU B 168 -15.97 -21.05 10.57
C LEU B 168 -16.94 -20.71 9.46
N ASN B 169 -17.50 -19.50 9.51
CA ASN B 169 -18.34 -19.00 8.45
C ASN B 169 -17.37 -18.29 7.49
N VAL B 170 -17.05 -18.93 6.37
CA VAL B 170 -16.16 -18.36 5.36
C VAL B 170 -16.99 -17.35 4.56
N MET B 171 -16.93 -16.07 4.97
CA MET B 171 -17.68 -14.96 4.39
C MET B 171 -17.27 -14.69 2.95
N ARG B 172 -15.97 -14.76 2.67
CA ARG B 172 -15.41 -14.54 1.34
C ARG B 172 -14.38 -15.59 0.99
N ILE B 173 -14.38 -16.01 -0.28
CA ILE B 173 -13.37 -16.87 -0.88
C ILE B 173 -12.62 -15.93 -1.84
N ILE B 174 -11.36 -15.62 -1.57
CA ILE B 174 -10.61 -14.70 -2.44
C ILE B 174 -9.41 -15.40 -3.10
N ASN B 175 -9.03 -14.98 -4.31
CA ASN B 175 -7.91 -15.61 -5.00
C ASN B 175 -6.59 -15.21 -4.38
N GLU B 176 -5.69 -16.20 -4.21
CA GLU B 176 -4.37 -15.97 -3.59
C GLU B 176 -3.58 -14.82 -4.22
N PRO B 177 -3.44 -14.72 -5.58
CA PRO B 177 -2.64 -13.63 -6.15
C PRO B 177 -3.25 -12.25 -5.88
N THR B 178 -4.61 -12.17 -5.85
CA THR B 178 -5.37 -10.96 -5.53
C THR B 178 -5.08 -10.55 -4.08
N ALA B 179 -5.08 -11.52 -3.14
CA ALA B 179 -4.78 -11.25 -1.73
C ALA B 179 -3.35 -10.69 -1.59
N ALA B 180 -2.37 -11.23 -2.36
CA ALA B 180 -1.01 -10.72 -2.32
C ALA B 180 -0.98 -9.28 -2.84
N ALA B 181 -1.75 -8.98 -3.94
CA ALA B 181 -1.84 -7.63 -4.48
C ALA B 181 -2.42 -6.65 -3.45
N ILE B 182 -3.47 -7.09 -2.70
CA ILE B 182 -4.12 -6.31 -1.63
C ILE B 182 -3.10 -6.01 -0.51
N ALA B 183 -2.26 -7.00 -0.13
CA ALA B 183 -1.22 -6.80 0.91
C ALA B 183 -0.33 -5.60 0.54
N TYR B 184 -0.02 -5.42 -0.77
CA TYR B 184 0.80 -4.32 -1.28
C TYR B 184 0.01 -3.00 -1.51
N GLY B 185 -1.26 -2.99 -1.12
CA GLY B 185 -2.17 -1.85 -1.24
C GLY B 185 -2.55 -1.49 -2.67
N LEU B 186 -2.25 -2.39 -3.64
CA LEU B 186 -2.47 -2.14 -5.07
C LEU B 186 -3.94 -1.94 -5.44
N ASP B 187 -4.87 -2.40 -4.58
CA ASP B 187 -6.33 -2.22 -4.75
C ASP B 187 -6.77 -0.80 -4.36
N LYS B 188 -6.01 -0.12 -3.48
CA LYS B 188 -6.29 1.24 -3.01
C LYS B 188 -5.57 2.27 -3.91
N ARG B 189 -5.69 2.08 -5.24
CA ARG B 189 -5.06 2.92 -6.25
C ARG B 189 -6.04 3.32 -7.35
N GLU B 190 -5.99 4.56 -7.80
CA GLU B 190 -6.81 5.04 -8.92
C GLU B 190 -6.06 4.66 -10.22
N GLY B 191 -6.79 4.44 -11.30
CA GLY B 191 -6.20 4.07 -12.58
C GLY B 191 -6.19 2.58 -12.88
N GLU B 192 -5.48 2.20 -13.97
CA GLU B 192 -5.38 0.82 -14.47
C GLU B 192 -3.95 0.30 -14.50
N LYS B 193 -3.72 -0.90 -13.92
CA LYS B 193 -2.40 -1.54 -13.90
C LYS B 193 -2.45 -3.05 -14.16
N ASN B 194 -1.37 -3.59 -14.73
CA ASN B 194 -1.19 -5.02 -14.97
C ASN B 194 -0.21 -5.55 -13.94
N ILE B 195 -0.65 -6.56 -13.18
CA ILE B 195 0.14 -7.19 -12.13
C ILE B 195 0.50 -8.60 -12.48
N LEU B 196 1.80 -8.93 -12.35
CA LEU B 196 2.26 -10.29 -12.50
C LEU B 196 2.54 -10.81 -11.10
N VAL B 197 1.85 -11.89 -10.70
CA VAL B 197 2.08 -12.51 -9.40
C VAL B 197 2.82 -13.81 -9.67
N PHE B 198 4.03 -13.91 -9.08
CA PHE B 198 4.93 -15.05 -9.21
C PHE B 198 4.98 -15.73 -7.84
N ASP B 199 4.26 -16.86 -7.74
CA ASP B 199 4.10 -17.58 -6.48
C ASP B 199 4.79 -18.94 -6.53
N LEU B 200 5.95 -19.03 -5.85
CA LEU B 200 6.71 -20.26 -5.79
C LEU B 200 6.68 -20.77 -4.36
N GLY B 201 5.84 -21.77 -4.12
CA GLY B 201 5.67 -22.34 -2.78
C GLY B 201 6.51 -23.57 -2.48
N GLY B 202 6.03 -24.37 -1.52
CA GLY B 202 6.68 -25.60 -1.11
C GLY B 202 6.55 -26.73 -2.09
N GLY B 203 5.42 -26.82 -2.76
CA GLY B 203 5.18 -27.90 -3.70
C GLY B 203 4.56 -27.49 -5.01
N THR B 204 4.14 -26.21 -5.12
CA THR B 204 3.47 -25.67 -6.29
C THR B 204 4.05 -24.34 -6.72
N PHE B 205 3.96 -24.09 -8.03
CA PHE B 205 4.40 -22.87 -8.68
C PHE B 205 3.20 -22.32 -9.44
N ASP B 206 2.74 -21.11 -9.07
CA ASP B 206 1.62 -20.47 -9.72
C ASP B 206 2.02 -19.09 -10.20
N VAL B 207 1.74 -18.84 -11.47
CA VAL B 207 1.92 -17.52 -12.07
C VAL B 207 0.52 -17.05 -12.47
N SER B 208 0.19 -15.82 -12.06
CA SER B 208 -1.12 -15.23 -12.41
C SER B 208 -0.97 -13.83 -12.97
N LEU B 209 -1.73 -13.53 -14.02
CA LEU B 209 -1.77 -12.18 -14.60
C LEU B 209 -3.09 -11.54 -14.18
N LEU B 210 -2.97 -10.44 -13.41
CA LEU B 210 -4.14 -9.71 -12.95
C LEU B 210 -4.15 -8.31 -13.53
N THR B 211 -5.35 -7.77 -13.74
CA THR B 211 -5.55 -6.37 -14.07
C THR B 211 -6.24 -5.78 -12.84
N ILE B 212 -5.93 -4.53 -12.54
CA ILE B 212 -6.52 -3.79 -11.44
C ILE B 212 -7.06 -2.50 -12.02
N ASP B 213 -8.36 -2.25 -11.88
CA ASP B 213 -8.99 -1.06 -12.41
C ASP B 213 -9.84 -0.45 -11.33
N ASN B 214 -9.33 0.63 -10.70
CA ASN B 214 -9.95 1.38 -9.61
C ASN B 214 -10.52 0.45 -8.49
N GLY B 215 -9.64 -0.39 -7.93
CA GLY B 215 -9.97 -1.33 -6.86
C GLY B 215 -10.62 -2.62 -7.32
N VAL B 216 -10.89 -2.76 -8.63
CA VAL B 216 -11.52 -3.97 -9.18
C VAL B 216 -10.47 -4.86 -9.87
N PHE B 217 -10.37 -6.12 -9.40
CA PHE B 217 -9.45 -7.11 -9.93
C PHE B 217 -10.10 -8.08 -10.91
N GLU B 218 -9.33 -8.51 -11.89
CA GLU B 218 -9.72 -9.52 -12.86
C GLU B 218 -8.51 -10.42 -13.06
N VAL B 219 -8.71 -11.75 -12.96
CA VAL B 219 -7.65 -12.72 -13.24
C VAL B 219 -7.74 -12.97 -14.74
N VAL B 220 -6.75 -12.47 -15.49
CA VAL B 220 -6.73 -12.57 -16.95
C VAL B 220 -6.20 -13.94 -17.38
N ALA B 221 -5.11 -14.39 -16.77
CA ALA B 221 -4.53 -15.68 -17.12
C ALA B 221 -3.79 -16.29 -15.95
N THR B 222 -3.71 -17.63 -15.93
CA THR B 222 -2.99 -18.40 -14.91
C THR B 222 -2.16 -19.45 -15.60
N ASN B 223 -1.02 -19.79 -15.00
CA ASN B 223 -0.10 -20.83 -15.45
C ASN B 223 0.82 -21.22 -14.29
N GLY B 224 1.76 -22.11 -14.55
CA GLY B 224 2.69 -22.57 -13.53
C GLY B 224 3.01 -24.03 -13.69
N ASP B 225 3.42 -24.64 -12.58
CA ASP B 225 3.75 -26.04 -12.53
C ASP B 225 3.19 -26.57 -11.20
N THR B 226 2.14 -27.41 -11.29
CA THR B 226 1.46 -27.99 -10.11
C THR B 226 2.39 -28.83 -9.23
N HIS B 227 3.51 -29.33 -9.79
CA HIS B 227 4.46 -30.17 -9.07
C HIS B 227 5.88 -29.64 -9.08
N LEU B 228 6.03 -28.32 -8.85
CA LEU B 228 7.33 -27.69 -8.73
C LEU B 228 7.31 -26.71 -7.58
N GLY B 229 8.23 -26.90 -6.64
CA GLY B 229 8.31 -26.01 -5.49
C GLY B 229 9.58 -26.23 -4.72
N GLY B 230 9.65 -25.65 -3.54
CA GLY B 230 10.80 -25.78 -2.65
C GLY B 230 11.20 -27.22 -2.39
N GLU B 231 10.21 -28.11 -2.28
CA GLU B 231 10.45 -29.53 -2.01
C GLU B 231 11.27 -30.18 -3.11
N ASP B 232 11.09 -29.72 -4.36
CA ASP B 232 11.87 -30.26 -5.51
C ASP B 232 13.33 -29.81 -5.47
N PHE B 233 13.59 -28.61 -4.93
CA PHE B 233 14.98 -28.13 -4.80
C PHE B 233 15.71 -28.93 -3.73
N ASP B 234 14.98 -29.27 -2.64
CA ASP B 234 15.51 -30.09 -1.56
C ASP B 234 15.87 -31.47 -2.08
N GLN B 235 14.97 -32.07 -2.88
CA GLN B 235 15.16 -33.38 -3.48
C GLN B 235 16.42 -33.48 -4.31
N ARG B 236 16.71 -32.42 -5.10
CA ARG B 236 17.90 -32.42 -5.92
C ARG B 236 19.18 -32.43 -5.08
N VAL B 237 19.15 -31.69 -3.95
CA VAL B 237 20.28 -31.64 -3.01
C VAL B 237 20.40 -33.01 -2.32
N MET B 238 19.27 -33.63 -1.96
CA MET B 238 19.25 -34.96 -1.31
C MET B 238 19.89 -36.00 -2.20
N GLU B 239 19.43 -36.15 -3.45
CA GLU B 239 20.01 -37.05 -4.47
C GLU B 239 21.53 -36.87 -4.59
N HIS B 240 21.98 -35.60 -4.62
CA HIS B 240 23.39 -35.24 -4.69
C HIS B 240 24.21 -35.79 -3.51
N PHE B 241 23.76 -35.57 -2.26
CA PHE B 241 24.49 -36.04 -1.09
C PHE B 241 24.36 -37.55 -0.89
N ILE B 242 23.23 -38.15 -1.33
CA ILE B 242 23.06 -39.61 -1.27
C ILE B 242 24.11 -40.27 -2.18
N LYS B 243 24.32 -39.70 -3.40
CA LYS B 243 25.33 -40.20 -4.33
C LYS B 243 26.75 -39.94 -3.82
N LEU B 244 27.00 -38.76 -3.22
CA LEU B 244 28.31 -38.42 -2.62
C LEU B 244 28.64 -39.36 -1.42
N TYR B 245 27.63 -39.70 -0.60
CA TYR B 245 27.79 -40.60 0.55
C TYR B 245 28.14 -42.03 0.10
N LYS B 246 27.45 -42.51 -0.96
CA LYS B 246 27.66 -43.82 -1.59
C LYS B 246 29.08 -43.92 -2.17
N LYS B 247 29.64 -42.79 -2.65
CA LYS B 247 30.99 -42.73 -3.22
C LYS B 247 32.05 -42.66 -2.10
N LYS B 248 31.75 -41.94 -1.01
CA LYS B 248 32.67 -41.73 0.12
C LYS B 248 32.73 -42.90 1.11
N THR B 249 31.62 -43.64 1.29
CA THR B 249 31.53 -44.75 2.27
C THR B 249 31.17 -46.11 1.67
N GLY B 250 30.57 -46.12 0.48
CA GLY B 250 30.11 -47.33 -0.18
C GLY B 250 28.71 -47.75 0.23
N LYS B 251 28.06 -46.99 1.14
CA LYS B 251 26.74 -47.27 1.68
C LYS B 251 25.60 -46.57 0.96
N ASP B 252 24.47 -47.27 0.82
CA ASP B 252 23.27 -46.73 0.19
C ASP B 252 22.30 -46.26 1.26
N VAL B 253 22.17 -44.91 1.40
CA VAL B 253 21.32 -44.19 2.35
C VAL B 253 19.84 -44.60 2.19
N ARG B 254 19.39 -44.83 0.94
CA ARG B 254 18.00 -45.15 0.58
C ARG B 254 17.48 -46.44 1.23
N LYS B 255 18.39 -47.33 1.72
CA LYS B 255 18.03 -48.55 2.45
C LYS B 255 17.38 -48.20 3.81
N ASP B 256 17.67 -46.99 4.36
CA ASP B 256 17.07 -46.51 5.61
C ASP B 256 16.30 -45.24 5.31
N ASN B 257 15.01 -45.21 5.67
CA ASN B 257 14.12 -44.07 5.44
C ASN B 257 14.14 -43.06 6.59
N ARG B 258 14.78 -43.42 7.73
CA ARG B 258 14.93 -42.51 8.87
C ARG B 258 16.11 -41.57 8.58
N ALA B 259 17.12 -42.10 7.89
CA ALA B 259 18.33 -41.43 7.43
C ALA B 259 17.94 -40.40 6.37
N VAL B 260 17.11 -40.82 5.39
CA VAL B 260 16.60 -40.01 4.29
C VAL B 260 15.86 -38.77 4.81
N GLN B 261 14.95 -38.93 5.81
CA GLN B 261 14.21 -37.82 6.42
C GLN B 261 15.13 -36.90 7.22
N LYS B 262 16.19 -37.46 7.86
CA LYS B 262 17.17 -36.65 8.61
C LYS B 262 17.89 -35.77 7.59
N LEU B 263 18.30 -36.36 6.42
CA LEU B 263 18.94 -35.61 5.36
C LEU B 263 17.99 -34.53 4.82
N ARG B 264 16.72 -34.91 4.55
CA ARG B 264 15.70 -34.00 4.03
C ARG B 264 15.56 -32.73 4.89
N ARG B 265 15.40 -32.91 6.22
CA ARG B 265 15.26 -31.79 7.16
C ARG B 265 16.49 -30.89 7.17
N GLU B 266 17.71 -31.49 7.21
CA GLU B 266 18.94 -30.70 7.24
C GLU B 266 19.21 -29.99 5.92
N VAL B 267 18.83 -30.63 4.80
CA VAL B 267 18.97 -30.07 3.44
C VAL B 267 18.09 -28.83 3.30
N GLU B 268 16.87 -28.91 3.84
CA GLU B 268 15.90 -27.80 3.79
C GLU B 268 16.41 -26.60 4.62
N LYS B 269 17.05 -26.86 5.77
CA LYS B 269 17.64 -25.81 6.63
C LYS B 269 18.86 -25.15 5.91
N ALA B 270 19.76 -25.97 5.33
CA ALA B 270 20.93 -25.46 4.59
C ALA B 270 20.49 -24.65 3.37
N LYS B 271 19.44 -25.12 2.64
CA LYS B 271 18.90 -24.38 1.48
C LYS B 271 18.43 -22.97 1.92
N ARG B 272 17.68 -22.89 3.04
CA ARG B 272 17.19 -21.59 3.54
C ARG B 272 18.34 -20.65 3.88
N ALA B 273 19.40 -21.19 4.51
CA ALA B 273 20.59 -20.43 4.90
C ALA B 273 21.32 -19.87 3.68
N LEU B 274 21.34 -20.66 2.58
CA LEU B 274 21.97 -20.29 1.32
C LEU B 274 21.29 -19.11 0.60
N SER B 275 20.12 -18.64 1.09
CA SER B 275 19.47 -17.45 0.55
C SER B 275 20.12 -16.17 1.09
N SER B 276 20.93 -16.28 2.16
CA SER B 276 21.64 -15.13 2.76
C SER B 276 23.13 -15.39 3.02
N GLN B 277 23.62 -16.62 2.77
CA GLN B 277 25.03 -17.02 2.93
C GLN B 277 25.48 -17.73 1.66
N HIS B 278 26.80 -17.81 1.44
CA HIS B 278 27.34 -18.51 0.28
C HIS B 278 27.70 -19.97 0.55
N GLN B 279 27.65 -20.38 1.84
CA GLN B 279 27.97 -21.73 2.30
C GLN B 279 27.18 -22.09 3.54
N ALA B 280 26.84 -23.38 3.69
CA ALA B 280 26.11 -23.90 4.84
C ALA B 280 26.52 -25.33 5.15
N ARG B 281 26.63 -25.65 6.44
CA ARG B 281 27.02 -26.97 6.91
C ARG B 281 25.80 -27.85 7.15
N ILE B 282 25.84 -29.08 6.62
CA ILE B 282 24.77 -30.07 6.79
C ILE B 282 25.37 -31.08 7.75
N GLU B 283 24.82 -31.10 8.96
CA GLU B 283 25.32 -31.95 10.04
C GLU B 283 24.24 -32.85 10.59
N ILE B 284 24.50 -34.17 10.60
CA ILE B 284 23.55 -35.16 11.08
C ILE B 284 24.27 -36.13 12.01
N GLU B 285 23.81 -36.17 13.26
CA GLU B 285 24.34 -37.07 14.27
C GLU B 285 23.67 -38.41 14.04
N SER B 286 24.47 -39.49 14.01
CA SER B 286 24.02 -40.87 13.82
C SER B 286 23.08 -40.97 12.61
N PHE B 287 23.58 -40.51 11.46
CA PHE B 287 22.85 -40.44 10.20
C PHE B 287 22.52 -41.83 9.61
N TYR B 288 23.53 -42.67 9.47
CA TYR B 288 23.34 -44.01 8.91
C TYR B 288 24.29 -44.96 9.57
N GLU B 289 23.75 -46.10 10.07
CA GLU B 289 24.49 -47.16 10.78
C GLU B 289 25.32 -46.58 11.94
N GLY B 290 24.73 -45.65 12.69
CA GLY B 290 25.37 -44.96 13.80
C GLY B 290 26.46 -43.97 13.42
N GLU B 291 26.71 -43.78 12.11
CA GLU B 291 27.75 -42.89 11.61
C GLU B 291 27.24 -41.48 11.33
N ASP B 292 28.00 -40.47 11.79
CA ASP B 292 27.68 -39.06 11.60
C ASP B 292 27.94 -38.60 10.17
N PHE B 293 27.16 -37.61 9.74
CA PHE B 293 27.24 -36.96 8.44
C PHE B 293 27.62 -35.51 8.69
N SER B 294 28.62 -35.00 7.93
CA SER B 294 29.08 -33.62 8.00
C SER B 294 29.61 -33.22 6.64
N GLU B 295 28.83 -32.42 5.92
CA GLU B 295 29.18 -31.96 4.58
C GLU B 295 28.83 -30.50 4.41
N THR B 296 29.49 -29.81 3.48
CA THR B 296 29.17 -28.41 3.20
C THR B 296 28.52 -28.28 1.82
N LEU B 297 27.57 -27.39 1.70
CA LEU B 297 26.90 -27.08 0.45
C LEU B 297 27.12 -25.61 0.18
N THR B 298 27.68 -25.29 -0.99
CA THR B 298 27.88 -23.89 -1.43
C THR B 298 26.61 -23.45 -2.17
N ARG B 299 26.36 -22.13 -2.25
CA ARG B 299 25.23 -21.59 -3.01
C ARG B 299 25.42 -21.95 -4.49
N ALA B 300 26.67 -21.90 -4.98
CA ALA B 300 27.02 -22.23 -6.37
C ALA B 300 26.61 -23.67 -6.69
N LYS B 301 26.89 -24.64 -5.78
CA LYS B 301 26.49 -26.04 -6.01
C LYS B 301 24.97 -26.19 -5.94
N PHE B 302 24.33 -25.51 -4.98
CA PHE B 302 22.87 -25.53 -4.84
C PHE B 302 22.19 -25.06 -6.15
N GLU B 303 22.71 -23.95 -6.74
CA GLU B 303 22.22 -23.37 -8.00
C GLU B 303 22.42 -24.32 -9.17
N GLU B 304 23.65 -24.91 -9.28
CA GLU B 304 23.98 -25.87 -10.33
C GLU B 304 23.03 -27.05 -10.34
N LEU B 305 22.79 -27.66 -9.14
CA LEU B 305 21.94 -28.84 -8.99
C LEU B 305 20.49 -28.60 -9.38
N ASN B 306 20.05 -27.33 -9.29
CA ASN B 306 18.69 -26.90 -9.59
C ASN B 306 18.57 -25.94 -10.79
N MET B 307 19.61 -25.76 -11.60
CA MET B 307 19.59 -24.79 -12.70
C MET B 307 18.40 -24.96 -13.67
N ASP B 308 18.14 -26.19 -14.13
CA ASP B 308 17.05 -26.50 -15.05
C ASP B 308 15.73 -26.17 -14.41
N LEU B 309 15.53 -26.53 -13.11
CA LEU B 309 14.27 -26.23 -12.42
C LEU B 309 14.05 -24.72 -12.28
N PHE B 310 15.07 -23.96 -11.80
CA PHE B 310 14.96 -22.49 -11.68
C PHE B 310 14.65 -21.85 -13.03
N ARG B 311 15.32 -22.31 -14.12
CA ARG B 311 15.05 -21.78 -15.47
C ARG B 311 13.64 -22.14 -15.95
N SER B 312 13.12 -23.34 -15.59
CA SER B 312 11.77 -23.81 -15.93
C SER B 312 10.64 -22.87 -15.44
N THR B 313 10.90 -22.02 -14.42
CA THR B 313 9.90 -21.08 -13.87
C THR B 313 9.58 -19.93 -14.85
N MET B 314 10.49 -19.63 -15.81
CA MET B 314 10.32 -18.55 -16.79
C MET B 314 9.31 -18.89 -17.89
N LYS B 315 9.21 -20.18 -18.28
CA LYS B 315 8.28 -20.67 -19.31
C LYS B 315 6.80 -20.32 -18.96
N PRO B 316 6.27 -20.63 -17.74
CA PRO B 316 4.89 -20.21 -17.44
C PRO B 316 4.66 -18.70 -17.45
N VAL B 317 5.70 -17.91 -17.10
CA VAL B 317 5.66 -16.44 -17.11
C VAL B 317 5.52 -15.96 -18.56
N GLN B 318 6.24 -16.59 -19.50
CA GLN B 318 6.12 -16.24 -20.90
C GLN B 318 4.74 -16.66 -21.44
N LYS B 319 4.22 -17.83 -20.98
CA LYS B 319 2.90 -18.37 -21.34
C LYS B 319 1.73 -17.46 -20.89
N VAL B 320 1.75 -16.96 -19.63
CA VAL B 320 0.68 -16.06 -19.17
C VAL B 320 0.63 -14.78 -19.97
N LEU B 321 1.81 -14.22 -20.34
CA LEU B 321 1.89 -13.00 -21.13
C LEU B 321 1.28 -13.21 -22.52
N GLU B 322 1.50 -14.41 -23.11
CA GLU B 322 0.95 -14.78 -24.41
C GLU B 322 -0.58 -14.93 -24.34
N ASP B 323 -1.08 -15.62 -23.28
CA ASP B 323 -2.51 -15.83 -23.02
C ASP B 323 -3.25 -14.52 -22.66
N SER B 324 -2.51 -13.52 -22.16
CA SER B 324 -3.07 -12.23 -21.77
C SER B 324 -2.98 -11.20 -22.89
N ASP B 325 -2.32 -11.56 -24.03
CA ASP B 325 -2.06 -10.68 -25.18
C ASP B 325 -1.28 -9.42 -24.70
N LEU B 326 -0.29 -9.66 -23.83
CA LEU B 326 0.56 -8.63 -23.25
C LEU B 326 2.05 -8.92 -23.49
N LYS B 327 2.87 -7.86 -23.39
CA LYS B 327 4.33 -7.92 -23.51
C LYS B 327 4.93 -7.64 -22.13
N LYS B 328 6.25 -7.87 -21.95
CA LYS B 328 7.01 -7.66 -20.70
C LYS B 328 6.88 -6.22 -20.17
N SER B 329 6.93 -5.22 -21.08
CA SER B 329 6.83 -3.78 -20.77
C SER B 329 5.45 -3.38 -20.26
N ASP B 330 4.42 -4.21 -20.50
CA ASP B 330 3.06 -3.92 -20.04
C ASP B 330 2.86 -4.21 -18.55
N ILE B 331 3.75 -5.01 -17.96
CA ILE B 331 3.72 -5.37 -16.54
C ILE B 331 4.14 -4.18 -15.67
N ASP B 332 3.20 -3.68 -14.87
CA ASP B 332 3.41 -2.51 -14.00
C ASP B 332 3.91 -2.91 -12.63
N GLU B 333 3.50 -4.08 -12.14
CA GLU B 333 3.88 -4.61 -10.82
C GLU B 333 4.24 -6.08 -10.91
N ILE B 334 5.34 -6.48 -10.24
CA ILE B 334 5.77 -7.88 -10.12
C ILE B 334 5.68 -8.18 -8.62
N VAL B 335 4.79 -9.10 -8.25
CA VAL B 335 4.63 -9.48 -6.85
C VAL B 335 5.14 -10.90 -6.65
N LEU B 336 6.14 -11.09 -5.74
CA LEU B 336 6.71 -12.41 -5.44
C LEU B 336 6.06 -12.95 -4.17
N VAL B 337 5.61 -14.20 -4.22
CA VAL B 337 4.90 -14.89 -3.16
C VAL B 337 5.53 -16.26 -2.97
N GLY B 338 5.53 -16.74 -1.74
CA GLY B 338 6.11 -18.05 -1.43
C GLY B 338 7.53 -17.89 -0.95
N GLY B 339 7.88 -18.65 0.07
CA GLY B 339 9.20 -18.61 0.69
C GLY B 339 10.34 -18.91 -0.26
N SER B 340 10.07 -19.69 -1.33
CA SER B 340 11.08 -20.08 -2.32
C SER B 340 11.53 -18.87 -3.15
N THR B 341 10.73 -17.78 -3.21
CA THR B 341 11.11 -16.58 -3.94
C THR B 341 12.28 -15.84 -3.28
N ARG B 342 12.70 -16.26 -2.08
CA ARG B 342 13.87 -15.66 -1.41
C ARG B 342 15.16 -16.15 -2.06
N ILE B 343 15.11 -17.25 -2.86
CA ILE B 343 16.30 -17.78 -3.53
C ILE B 343 16.88 -16.69 -4.45
N PRO B 344 18.14 -16.20 -4.17
CA PRO B 344 18.73 -15.16 -5.00
C PRO B 344 18.68 -15.42 -6.52
N LYS B 345 18.94 -16.66 -6.96
CA LYS B 345 18.90 -17.03 -8.39
C LYS B 345 17.49 -16.85 -8.98
N ILE B 346 16.44 -17.16 -8.20
CA ILE B 346 15.03 -16.98 -8.59
C ILE B 346 14.76 -15.48 -8.81
N GLN B 347 15.16 -14.62 -7.84
CA GLN B 347 14.98 -13.15 -7.92
C GLN B 347 15.74 -12.57 -9.10
N GLN B 348 16.93 -13.12 -9.37
CA GLN B 348 17.79 -12.71 -10.49
C GLN B 348 17.13 -13.01 -11.84
N LEU B 349 16.62 -14.25 -12.02
CA LEU B 349 15.95 -14.68 -13.24
C LEU B 349 14.69 -13.89 -13.53
N VAL B 350 13.87 -13.61 -12.48
CA VAL B 350 12.63 -12.84 -12.62
C VAL B 350 12.96 -11.41 -13.11
N LYS B 351 13.97 -10.78 -12.45
CA LYS B 351 14.46 -9.43 -12.77
C LYS B 351 14.99 -9.37 -14.21
N GLU B 352 15.80 -10.37 -14.63
CA GLU B 352 16.36 -10.46 -15.99
C GLU B 352 15.26 -10.63 -17.01
N PHE B 353 14.25 -11.50 -16.70
CA PHE B 353 13.10 -11.72 -17.58
C PHE B 353 12.40 -10.39 -17.86
N PHE B 354 12.24 -9.54 -16.82
CA PHE B 354 11.56 -8.25 -16.96
C PHE B 354 12.53 -7.06 -17.19
N ASN B 355 13.69 -7.36 -17.80
CA ASN B 355 14.73 -6.42 -18.22
C ASN B 355 15.17 -5.42 -17.13
N GLY B 356 15.41 -5.93 -15.92
CA GLY B 356 15.90 -5.12 -14.80
C GLY B 356 14.83 -4.54 -13.89
N LYS B 357 13.53 -4.75 -14.22
CA LYS B 357 12.43 -4.25 -13.39
C LYS B 357 12.47 -4.94 -12.02
N GLU B 358 12.51 -4.12 -10.95
CA GLU B 358 12.57 -4.60 -9.58
C GLU B 358 11.17 -5.02 -9.13
N PRO B 359 11.03 -6.23 -8.53
CA PRO B 359 9.70 -6.64 -8.05
C PRO B 359 9.31 -5.87 -6.79
N SER B 360 8.00 -5.86 -6.45
CA SER B 360 7.49 -5.24 -5.23
C SER B 360 8.19 -5.95 -4.07
N ARG B 361 8.53 -5.20 -3.02
CA ARG B 361 9.31 -5.75 -1.92
C ARG B 361 8.91 -5.11 -0.59
N GLY B 362 9.01 -5.90 0.48
CA GLY B 362 8.72 -5.40 1.82
C GLY B 362 7.75 -6.22 2.62
N ILE B 363 6.90 -7.01 1.94
CA ILE B 363 5.99 -7.87 2.67
C ILE B 363 6.55 -9.30 2.60
N ASN B 364 6.73 -9.91 3.77
CA ASN B 364 7.22 -11.28 3.91
C ASN B 364 6.51 -12.18 2.84
N PRO B 365 7.24 -12.82 1.89
CA PRO B 365 6.55 -13.62 0.83
C PRO B 365 5.76 -14.83 1.31
N ASP B 366 6.08 -15.35 2.52
CA ASP B 366 5.35 -16.49 3.11
C ASP B 366 4.03 -16.02 3.73
N GLU B 367 3.95 -14.72 4.06
CA GLU B 367 2.79 -14.17 4.75
C GLU B 367 1.93 -13.25 3.92
N ALA B 368 2.39 -12.86 2.74
CA ALA B 368 1.69 -11.90 1.88
C ALA B 368 0.21 -12.26 1.60
N VAL B 369 -0.07 -13.54 1.34
CA VAL B 369 -1.44 -14.00 1.00
C VAL B 369 -2.38 -13.87 2.22
N ALA B 370 -1.94 -14.33 3.41
CA ALA B 370 -2.73 -14.17 4.65
C ALA B 370 -2.90 -12.70 5.02
N TYR B 371 -1.84 -11.89 4.77
CA TYR B 371 -1.85 -10.45 5.03
C TYR B 371 -3.02 -9.81 4.26
N GLY B 372 -3.09 -10.07 2.94
CA GLY B 372 -4.15 -9.54 2.09
C GLY B 372 -5.54 -10.01 2.49
N ALA B 373 -5.66 -11.31 2.87
CA ALA B 373 -6.92 -11.88 3.36
C ALA B 373 -7.34 -11.15 4.67
N ALA B 374 -6.36 -10.83 5.56
CA ALA B 374 -6.57 -10.11 6.83
C ALA B 374 -7.01 -8.68 6.60
N VAL B 375 -6.55 -8.04 5.50
CA VAL B 375 -6.94 -6.67 5.14
C VAL B 375 -8.44 -6.69 4.81
N GLN B 376 -8.88 -7.68 4.00
CA GLN B 376 -10.28 -7.87 3.61
C GLN B 376 -11.15 -8.20 4.83
N ALA B 377 -10.61 -9.03 5.76
CA ALA B 377 -11.22 -9.43 7.03
C ALA B 377 -11.46 -8.20 7.92
N GLY B 378 -10.52 -7.24 7.89
CA GLY B 378 -10.60 -6.00 8.65
C GLY B 378 -11.79 -5.15 8.26
N VAL B 379 -12.04 -5.05 6.94
CA VAL B 379 -13.17 -4.30 6.37
C VAL B 379 -14.52 -4.93 6.79
N LEU B 380 -14.56 -6.27 6.92
CA LEU B 380 -15.75 -7.05 7.30
C LEU B 380 -15.98 -7.10 8.81
N SER B 381 -14.94 -6.89 9.63
CA SER B 381 -15.04 -6.90 11.10
C SER B 381 -15.79 -5.68 11.66
N GLY B 382 -15.69 -4.54 10.95
CA GLY B 382 -16.30 -3.28 11.34
C GLY B 382 -15.36 -2.42 12.18
#